data_9IY7
#
_entry.id   9IY7
#
_cell.length_a   1.00
_cell.length_b   1.00
_cell.length_c   1.00
_cell.angle_alpha   90.00
_cell.angle_beta   90.00
_cell.angle_gamma   90.00
#
_symmetry.space_group_name_H-M   'P 1'
#
loop_
_entity.id
_entity.type
_entity.pdbx_description
1 polymer 'Sodium-dependent serotonin transporter'
2 non-polymer 'CHLORIDE ION'
3 non-polymer 'SODIUM ION'
4 non-polymer 'CHOLESTEROL HEMISUCCINATE'
5 non-polymer DODECYL-BETA-D-MALTOSIDE
6 non-polymer 2-acetamido-2-deoxy-beta-D-glucopyranose
7 non-polymer (2~{S})-2-(2-chlorophenyl)-2-(methylamino)cyclohexan-1-one
8 non-polymer nonane
9 non-polymer DODECANE
10 non-polymer DECANE
11 non-polymer N-OCTANE
#
_entity_poly.entity_id   1
_entity_poly.type   'polypeptide(L)'
_entity_poly.pdbx_seq_one_letter_code
;METTPLNSQKQLSACEDGEDCQENGVLQKVVPTPGDKVESGQISNGYSAVPSPGAGDDTRHSIPATTTTLVAELHQGERE
TWGKKVDFLLSVIGYAVDLGNVWRFPYICYQNGGGAFLLPYTIMAIFGGIPLFYMELALGQYHRNGCISIWRKICPIFKG
IGYAICIIAFYIASYYNTIMAWALYYLISSFTDQLPWTSCKNSWNTGNCTNYFSEDNITWTLHSTSPAEEFYTRHVLQIH
RSKGLQDLGGISWQLALCIMLIFTVIYFSIWKGVKTSGKVVWVTATFPYIILSVLLVRGATLPGAWRGVLFYLKPNWQKL
LETGVWIDAAAQIFFSLGPGFGVLLAFASYNKFNNNCYQDALVTSVVNCMTSFVSGFVIFTVLGYMAEMRNEDVSEVAKD
AGPSLLFITYAEAIANMPASTFFAIIFFLMLITLGLDSTFAGLEGVITAVLDEFPHVWAKRRERFVLAVVITCFFGSLVT
LTFGGAYVVKLLEEYATGPAVLTVALIEAVAVSWFYGITQFCRDVKEMLGFSPGWFWRICWVAISPLFLLFIICSFLMSP
PQLRLFQYNYPYWSIILGYCIGTSSFICIPTYIAYRLIITPGTFKERIIKSITPETPTEIPCGDIRLNAVLEVLFQ
;
_entity_poly.pdbx_strand_id   A
#
loop_
_chem_comp.id
_chem_comp.type
_chem_comp.name
_chem_comp.formula
CL non-polymer 'CHLORIDE ION' 'Cl -1'
D10 non-polymer DECANE 'C10 H22'
D12 non-polymer DODECANE 'C12 H26'
DD9 non-polymer nonane 'C9 H20'
JC9 non-polymer (2~{S})-2-(2-chlorophenyl)-2-(methylamino)cyclohexan-1-one 'C13 H16 Cl N O'
LMT D-saccharide DODECYL-BETA-D-MALTOSIDE 'C24 H46 O11'
NA non-polymer 'SODIUM ION' 'Na 1'
NAG D-saccharide, beta linking 2-acetamido-2-deoxy-beta-D-glucopyranose 'C8 H15 N O6'
OCT non-polymer N-OCTANE 'C8 H18'
Y01 non-polymer 'CHOLESTEROL HEMISUCCINATE' 'C31 H50 O4'
#
# COMPACT_ATOMS: atom_id res chain seq x y z
N GLU A 78 -25.88 10.48 -16.48
CA GLU A 78 -24.70 11.22 -16.06
C GLU A 78 -23.99 10.50 -14.92
N ARG A 79 -22.69 10.71 -14.79
CA ARG A 79 -21.94 10.09 -13.72
C ARG A 79 -22.37 10.64 -12.37
N GLU A 80 -21.79 10.07 -11.32
CA GLU A 80 -22.06 10.47 -9.95
C GLU A 80 -20.88 11.31 -9.45
N THR A 81 -21.04 12.62 -9.42
CA THR A 81 -19.98 13.47 -8.91
C THR A 81 -19.83 13.29 -7.41
N TRP A 82 -18.78 13.90 -6.85
CA TRP A 82 -18.42 13.60 -5.47
C TRP A 82 -19.42 14.14 -4.47
N GLY A 83 -20.21 15.14 -4.84
CA GLY A 83 -21.20 15.66 -3.92
C GLY A 83 -20.64 16.69 -2.97
N LYS A 84 -19.36 16.56 -2.65
CA LYS A 84 -18.65 17.54 -1.84
C LYS A 84 -17.16 17.37 -2.08
N LYS A 85 -16.44 18.49 -2.16
CA LYS A 85 -15.03 18.43 -2.52
C LYS A 85 -14.22 17.71 -1.46
N VAL A 86 -14.55 17.93 -0.18
CA VAL A 86 -13.80 17.29 0.90
C VAL A 86 -13.97 15.78 0.83
N ASP A 87 -15.04 15.29 0.21
CA ASP A 87 -15.17 13.85 -0.02
C ASP A 87 -14.01 13.35 -0.88
N PHE A 88 -13.72 14.05 -1.97
CA PHE A 88 -12.62 13.65 -2.85
C PHE A 88 -11.28 13.82 -2.15
N LEU A 89 -11.09 14.94 -1.46
CA LEU A 89 -9.82 15.16 -0.78
C LEU A 89 -9.55 14.07 0.23
N LEU A 90 -10.53 13.77 1.09
CA LEU A 90 -10.34 12.76 2.11
C LEU A 90 -10.28 11.35 1.54
N SER A 91 -10.95 11.10 0.41
CA SER A 91 -10.80 9.80 -0.25
C SER A 91 -9.38 9.58 -0.72
N VAL A 92 -8.81 10.57 -1.40
CA VAL A 92 -7.44 10.40 -1.89
C VAL A 92 -6.46 10.37 -0.73
N ILE A 93 -6.69 11.18 0.30
CA ILE A 93 -5.78 11.20 1.44
C ILE A 93 -5.82 9.87 2.18
N GLY A 94 -7.00 9.28 2.36
CA GLY A 94 -7.10 7.98 3.00
C GLY A 94 -6.58 6.85 2.13
N TYR A 95 -6.62 7.02 0.82
CA TYR A 95 -6.05 5.97 -0.05
C TYR A 95 -4.54 6.04 -0.06
N ALA A 96 -3.97 7.24 -0.03
CA ALA A 96 -2.51 7.35 -0.06
C ALA A 96 -1.89 6.81 1.21
N VAL A 97 -2.44 7.14 2.38
CA VAL A 97 -1.91 6.68 3.65
C VAL A 97 -2.49 5.31 3.98
N ASP A 98 -1.64 4.38 4.40
CA ASP A 98 -2.06 3.00 4.55
C ASP A 98 -1.26 2.34 5.65
N LEU A 99 -1.43 1.03 5.79
CA LEU A 99 -0.74 0.27 6.82
C LEU A 99 0.75 0.14 6.53
N GLY A 100 1.18 0.38 5.30
CA GLY A 100 2.60 0.29 4.99
C GLY A 100 3.40 1.42 5.59
N ASN A 101 3.07 2.65 5.25
CA ASN A 101 3.92 3.76 5.64
C ASN A 101 3.92 4.02 7.15
N VAL A 102 3.31 3.18 7.98
CA VAL A 102 3.41 3.36 9.42
C VAL A 102 4.52 2.46 9.95
N TRP A 103 4.75 1.32 9.30
CA TRP A 103 5.89 0.47 9.65
C TRP A 103 6.98 0.46 8.60
N ARG A 104 6.68 0.79 7.35
CA ARG A 104 7.69 0.68 6.31
C ARG A 104 8.56 1.92 6.23
N PHE A 105 7.97 3.11 6.39
CA PHE A 105 8.79 4.31 6.30
C PHE A 105 9.78 4.43 7.45
N PRO A 106 9.41 4.27 8.72
CA PRO A 106 10.44 4.35 9.78
C PRO A 106 11.53 3.30 9.64
N TYR A 107 11.17 2.07 9.30
CA TYR A 107 12.18 1.03 9.11
C TYR A 107 13.10 1.38 7.95
N ILE A 108 12.53 1.88 6.85
CA ILE A 108 13.33 2.20 5.68
C ILE A 108 14.23 3.40 5.97
N CYS A 109 13.72 4.37 6.72
CA CYS A 109 14.53 5.54 7.07
C CYS A 109 15.67 5.17 7.99
N TYR A 110 15.44 4.24 8.93
CA TYR A 110 16.54 3.79 9.77
C TYR A 110 17.56 3.00 8.96
N GLN A 111 17.09 2.00 8.20
CA GLN A 111 18.02 1.13 7.48
C GLN A 111 18.81 1.92 6.44
N ASN A 112 18.13 2.74 5.66
CA ASN A 112 18.76 3.48 4.57
C ASN A 112 19.07 4.91 5.01
N GLY A 113 20.06 5.03 5.87
CA GLY A 113 20.56 6.36 6.23
C GLY A 113 19.96 6.86 7.55
N GLY A 114 18.94 7.71 7.43
CA GLY A 114 18.41 8.40 8.58
C GLY A 114 17.83 9.73 8.14
N GLY A 115 18.30 10.81 8.74
CA GLY A 115 17.99 12.13 8.21
C GLY A 115 18.60 12.39 6.87
N ALA A 116 19.51 11.52 6.41
CA ALA A 116 20.05 11.58 5.07
C ALA A 116 19.20 10.79 4.07
N PHE A 117 18.12 10.18 4.52
CA PHE A 117 17.16 9.57 3.62
C PHE A 117 16.06 10.53 3.20
N LEU A 118 15.87 11.60 3.97
CA LEU A 118 14.84 12.56 3.61
C LEU A 118 15.22 13.35 2.36
N LEU A 119 16.51 13.54 2.12
CA LEU A 119 16.91 14.18 0.86
C LEU A 119 16.55 13.35 -0.35
N PRO A 120 16.90 12.05 -0.46
CA PRO A 120 16.39 11.28 -1.60
C PRO A 120 14.90 11.09 -1.58
N TYR A 121 14.26 11.07 -0.41
CA TYR A 121 12.81 11.02 -0.39
C TYR A 121 12.20 12.22 -1.08
N THR A 122 12.66 13.43 -0.73
CA THR A 122 12.09 14.63 -1.34
C THR A 122 12.52 14.79 -2.79
N ILE A 123 13.73 14.33 -3.13
CA ILE A 123 14.17 14.45 -4.53
C ILE A 123 13.39 13.50 -5.43
N MET A 124 13.10 12.29 -4.97
CA MET A 124 12.30 11.38 -5.76
C MET A 124 10.81 11.63 -5.62
N ALA A 125 10.39 12.46 -4.67
CA ALA A 125 8.99 12.87 -4.63
C ALA A 125 8.75 14.07 -5.53
N ILE A 126 9.71 15.00 -5.60
CA ILE A 126 9.53 16.20 -6.40
C ILE A 126 9.46 15.85 -7.87
N PHE A 127 10.40 15.03 -8.35
CA PHE A 127 10.48 14.66 -9.76
C PHE A 127 9.82 13.33 -10.06
N GLY A 128 9.36 12.62 -9.05
CA GLY A 128 8.87 11.26 -9.24
C GLY A 128 7.38 11.13 -9.01
N GLY A 129 7.01 10.71 -7.80
CA GLY A 129 5.63 10.36 -7.54
C GLY A 129 4.66 11.51 -7.71
N ILE A 130 5.09 12.73 -7.47
CA ILE A 130 4.16 13.85 -7.46
C ILE A 130 3.71 14.24 -8.87
N PRO A 131 4.61 14.39 -9.86
CA PRO A 131 4.11 14.65 -11.22
C PRO A 131 3.29 13.52 -11.81
N LEU A 132 3.60 12.26 -11.48
CA LEU A 132 2.76 11.15 -11.93
C LEU A 132 1.40 11.20 -11.24
N PHE A 133 1.38 11.54 -9.95
CA PHE A 133 0.14 11.74 -9.22
C PHE A 133 -0.74 12.78 -9.89
N TYR A 134 -0.17 13.94 -10.19
CA TYR A 134 -0.92 15.01 -10.84
C TYR A 134 -1.35 14.61 -12.24
N MET A 135 -0.49 13.90 -12.97
CA MET A 135 -0.84 13.46 -14.31
C MET A 135 -2.05 12.54 -14.27
N GLU A 136 -2.03 11.54 -13.40
CA GLU A 136 -3.16 10.61 -13.31
C GLU A 136 -4.43 11.32 -12.90
N LEU A 137 -4.34 12.23 -11.92
CA LEU A 137 -5.52 12.94 -11.47
C LEU A 137 -6.14 13.76 -12.61
N ALA A 138 -5.32 14.55 -13.32
CA ALA A 138 -5.84 15.37 -14.39
C ALA A 138 -6.37 14.53 -15.55
N LEU A 139 -5.69 13.42 -15.86
CA LEU A 139 -6.14 12.54 -16.93
C LEU A 139 -7.51 11.97 -16.63
N GLY A 140 -7.68 11.41 -15.43
CA GLY A 140 -8.97 10.88 -15.05
C GLY A 140 -10.05 11.93 -15.00
N GLN A 141 -9.72 13.13 -14.52
CA GLN A 141 -10.74 14.15 -14.38
C GLN A 141 -11.16 14.73 -15.72
N TYR A 142 -10.28 14.69 -16.72
CA TYR A 142 -10.68 15.16 -18.04
C TYR A 142 -11.48 14.10 -18.77
N HIS A 143 -10.96 12.88 -18.85
CA HIS A 143 -11.59 11.88 -19.71
C HIS A 143 -12.83 11.27 -19.10
N ARG A 144 -13.03 11.40 -17.78
CA ARG A 144 -14.22 10.92 -17.10
C ARG A 144 -14.44 9.43 -17.36
N ASN A 145 -13.38 8.65 -17.29
CA ASN A 145 -13.47 7.21 -17.50
C ASN A 145 -12.58 6.49 -16.49
N GLY A 146 -12.75 5.18 -16.41
CA GLY A 146 -11.94 4.39 -15.51
C GLY A 146 -10.57 4.09 -16.08
N CYS A 147 -10.00 2.94 -15.78
CA CYS A 147 -8.71 2.57 -16.31
C CYS A 147 -8.76 1.58 -17.46
N ILE A 148 -9.92 1.03 -17.78
CA ILE A 148 -10.07 0.20 -18.96
C ILE A 148 -10.73 0.93 -20.11
N SER A 149 -11.22 2.15 -19.88
CA SER A 149 -11.92 2.89 -20.92
C SER A 149 -11.25 4.18 -21.33
N ILE A 150 -10.39 4.78 -20.50
CA ILE A 150 -9.71 6.00 -20.92
C ILE A 150 -8.89 5.72 -22.17
N TRP A 151 -8.32 4.53 -22.27
CA TRP A 151 -7.44 4.22 -23.39
C TRP A 151 -8.20 4.15 -24.71
N ARG A 152 -9.53 4.16 -24.68
CA ARG A 152 -10.28 4.31 -25.92
C ARG A 152 -10.03 5.68 -26.56
N LYS A 153 -9.73 6.68 -25.75
CA LYS A 153 -9.54 8.04 -26.24
C LYS A 153 -8.14 8.58 -25.96
N ILE A 154 -7.19 7.71 -25.64
CA ILE A 154 -5.81 8.12 -25.46
C ILE A 154 -4.93 7.35 -26.43
N CYS A 155 -4.91 6.02 -26.28
CA CYS A 155 -4.18 5.14 -27.19
C CYS A 155 -4.90 3.79 -27.13
N PRO A 156 -5.69 3.45 -28.15
CA PRO A 156 -6.52 2.25 -28.06
C PRO A 156 -5.74 0.95 -27.93
N ILE A 157 -4.46 0.93 -28.32
CA ILE A 157 -3.68 -0.30 -28.26
C ILE A 157 -3.32 -0.65 -26.84
N PHE A 158 -3.32 0.31 -25.93
CA PHE A 158 -2.88 0.09 -24.56
C PHE A 158 -4.02 -0.23 -23.62
N LYS A 159 -5.21 -0.55 -24.15
CA LYS A 159 -6.34 -0.87 -23.30
C LYS A 159 -6.02 -2.01 -22.35
N GLY A 160 -5.14 -2.92 -22.76
CA GLY A 160 -4.79 -4.03 -21.89
C GLY A 160 -4.27 -3.58 -20.55
N ILE A 161 -3.69 -2.37 -20.48
CA ILE A 161 -3.22 -1.86 -19.19
C ILE A 161 -4.30 -1.98 -18.15
N GLY A 162 -5.51 -1.55 -18.49
CA GLY A 162 -6.60 -1.62 -17.53
C GLY A 162 -6.78 -3.01 -16.97
N TYR A 163 -6.81 -4.00 -17.86
CA TYR A 163 -6.97 -5.37 -17.40
C TYR A 163 -5.86 -5.76 -16.43
N ALA A 164 -4.62 -5.41 -16.78
CA ALA A 164 -3.50 -5.70 -15.88
C ALA A 164 -3.77 -5.11 -14.51
N ILE A 165 -4.22 -3.85 -14.47
CA ILE A 165 -4.51 -3.21 -13.20
C ILE A 165 -5.49 -4.04 -12.40
N CYS A 166 -6.56 -4.51 -13.06
CA CYS A 166 -7.55 -5.33 -12.38
C CYS A 166 -6.89 -6.53 -11.72
N ILE A 167 -6.04 -7.24 -12.48
CA ILE A 167 -5.41 -8.44 -11.93
C ILE A 167 -4.60 -8.08 -10.70
N ILE A 168 -3.87 -6.96 -10.75
CA ILE A 168 -3.04 -6.57 -9.63
C ILE A 168 -3.88 -6.42 -8.37
N ALA A 169 -5.07 -5.85 -8.51
CA ALA A 169 -5.91 -5.69 -7.33
C ALA A 169 -6.22 -7.03 -6.70
N PHE A 170 -6.53 -8.04 -7.52
CA PHE A 170 -6.86 -9.34 -6.97
C PHE A 170 -5.72 -9.90 -6.14
N TYR A 171 -4.48 -9.52 -6.44
CA TYR A 171 -3.38 -9.95 -5.59
C TYR A 171 -3.33 -9.12 -4.32
N ILE A 172 -3.38 -7.79 -4.46
CA ILE A 172 -3.24 -6.93 -3.29
C ILE A 172 -4.39 -7.16 -2.33
N ALA A 173 -5.62 -7.11 -2.85
CA ALA A 173 -6.78 -7.37 -2.01
C ALA A 173 -6.77 -8.78 -1.45
N SER A 174 -5.98 -9.68 -2.03
CA SER A 174 -5.85 -10.99 -1.42
C SER A 174 -5.08 -10.91 -0.11
N TYR A 175 -3.94 -10.21 -0.10
CA TYR A 175 -3.09 -10.22 1.08
C TYR A 175 -3.33 -9.02 1.98
N TYR A 176 -3.46 -7.83 1.41
CA TYR A 176 -3.61 -6.63 2.24
C TYR A 176 -4.72 -6.80 3.24
N ASN A 177 -5.89 -7.27 2.79
CA ASN A 177 -7.02 -7.45 3.67
C ASN A 177 -6.66 -8.32 4.86
N THR A 178 -5.98 -9.45 4.62
CA THR A 178 -5.73 -10.37 5.73
C THR A 178 -4.80 -9.75 6.74
N ILE A 179 -3.94 -8.81 6.33
CA ILE A 179 -3.11 -8.13 7.31
C ILE A 179 -3.98 -7.41 8.31
N MET A 180 -5.00 -6.70 7.82
CA MET A 180 -5.95 -6.06 8.73
C MET A 180 -6.65 -7.11 9.58
N ALA A 181 -6.92 -8.29 9.02
CA ALA A 181 -7.48 -9.37 9.83
C ALA A 181 -6.63 -9.61 11.07
N TRP A 182 -5.32 -9.73 10.89
CA TRP A 182 -4.44 -9.87 12.05
C TRP A 182 -4.68 -8.75 13.03
N ALA A 183 -4.66 -7.52 12.55
CA ALA A 183 -4.89 -6.37 13.42
C ALA A 183 -6.20 -6.53 14.16
N LEU A 184 -7.25 -6.93 13.44
CA LEU A 184 -8.55 -7.07 14.09
C LEU A 184 -8.48 -8.09 15.20
N TYR A 185 -7.83 -9.23 14.95
CA TYR A 185 -7.68 -10.23 16.01
C TYR A 185 -6.93 -9.62 17.19
N TYR A 186 -5.85 -8.89 16.92
CA TYR A 186 -5.13 -8.26 18.02
C TYR A 186 -6.06 -7.34 18.80
N LEU A 187 -6.91 -6.59 18.10
CA LEU A 187 -7.85 -5.71 18.78
C LEU A 187 -8.82 -6.51 19.62
N ILE A 188 -9.33 -7.64 19.08
CA ILE A 188 -10.21 -8.50 19.87
C ILE A 188 -9.48 -9.06 21.08
N SER A 189 -8.16 -9.20 21.00
CA SER A 189 -7.42 -9.69 22.14
C SER A 189 -7.18 -8.60 23.17
N SER A 190 -7.32 -7.34 22.80
CA SER A 190 -6.96 -6.23 23.67
C SER A 190 -8.04 -5.85 24.67
N PHE A 191 -9.22 -6.45 24.58
CA PHE A 191 -10.32 -6.12 25.48
C PHE A 191 -10.24 -6.91 26.77
N THR A 192 -9.08 -6.84 27.44
CA THR A 192 -8.87 -7.51 28.70
C THR A 192 -8.13 -6.58 29.64
N ASP A 193 -8.27 -6.85 30.94
CA ASP A 193 -7.60 -6.02 31.94
C ASP A 193 -6.08 -6.09 31.79
N GLN A 194 -5.55 -7.30 31.57
CA GLN A 194 -4.15 -7.49 31.26
C GLN A 194 -4.04 -8.00 29.83
N LEU A 195 -3.25 -7.31 29.02
CA LEU A 195 -3.14 -7.68 27.61
C LEU A 195 -2.55 -9.09 27.50
N PRO A 196 -3.04 -9.92 26.58
CA PRO A 196 -2.62 -11.32 26.55
C PRO A 196 -1.15 -11.52 26.21
N TRP A 197 -0.50 -10.53 25.58
CA TRP A 197 0.90 -10.65 25.22
C TRP A 197 1.83 -9.94 26.19
N THR A 198 1.41 -9.82 27.45
CA THR A 198 2.29 -9.29 28.49
C THR A 198 2.98 -10.43 29.25
N SER A 199 2.19 -11.28 29.89
CA SER A 199 2.69 -12.45 30.59
C SER A 199 2.85 -13.60 29.60
N CYS A 200 3.73 -14.54 29.93
CA CYS A 200 3.89 -15.67 29.05
C CYS A 200 3.76 -17.00 29.78
N LYS A 201 2.71 -17.11 30.58
CA LYS A 201 2.28 -18.37 31.16
C LYS A 201 1.10 -18.98 30.43
N ASN A 202 0.78 -18.48 29.23
CA ASN A 202 -0.40 -18.92 28.50
C ASN A 202 -0.19 -20.30 27.89
N SER A 203 -1.21 -20.76 27.17
CA SER A 203 -1.15 -22.09 26.56
C SER A 203 -0.15 -22.13 25.42
N TRP A 204 -0.22 -21.14 24.51
CA TRP A 204 0.66 -21.14 23.35
C TRP A 204 2.10 -20.86 23.71
N ASN A 205 2.36 -20.40 24.93
CA ASN A 205 3.67 -19.88 25.30
C ASN A 205 4.54 -21.04 25.76
N THR A 206 5.47 -21.44 24.92
CA THR A 206 6.34 -22.58 25.20
C THR A 206 7.44 -22.15 26.18
N GLY A 207 8.46 -22.98 26.30
CA GLY A 207 9.67 -22.55 26.99
C GLY A 207 10.34 -21.46 26.17
N ASN A 208 11.60 -21.15 26.47
CA ASN A 208 12.33 -20.15 25.70
C ASN A 208 11.62 -18.80 25.72
N CYS A 209 11.19 -18.38 26.92
CA CYS A 209 10.47 -17.12 27.07
C CYS A 209 11.25 -16.09 27.87
N THR A 210 11.61 -16.42 29.12
CA THR A 210 12.39 -15.55 30.01
C THR A 210 11.71 -14.22 30.29
N ASN A 211 10.47 -14.05 29.82
CA ASN A 211 9.56 -12.98 30.24
C ASN A 211 9.96 -11.58 29.76
N TYR A 212 11.14 -11.45 29.16
CA TYR A 212 11.58 -10.19 28.53
C TYR A 212 11.65 -9.03 29.53
N PHE A 213 12.12 -7.88 29.06
CA PHE A 213 12.02 -6.61 29.79
C PHE A 213 12.67 -6.67 31.17
N SER A 214 13.70 -7.52 31.32
CA SER A 214 14.41 -7.68 32.59
C SER A 214 13.45 -8.03 33.72
N GLU A 215 12.51 -8.92 33.44
CA GLU A 215 11.54 -9.35 34.44
C GLU A 215 12.13 -10.46 35.29
N ASP A 216 12.24 -10.21 36.60
CA ASP A 216 12.76 -11.17 37.57
C ASP A 216 14.17 -11.57 37.17
N ASN A 217 14.47 -12.84 36.94
CA ASN A 217 15.81 -13.26 36.58
C ASN A 217 16.06 -13.02 35.09
N ILE A 218 17.16 -12.34 34.78
CA ILE A 218 17.47 -11.95 33.41
C ILE A 218 18.53 -12.90 32.88
N THR A 219 18.11 -13.87 32.07
CA THR A 219 19.01 -14.81 31.41
C THR A 219 18.70 -14.86 29.92
N TRP A 220 18.56 -13.68 29.32
CA TRP A 220 18.26 -13.60 27.90
C TRP A 220 19.37 -14.22 27.07
N THR A 221 19.04 -15.31 26.37
CA THR A 221 20.01 -16.04 25.55
C THR A 221 19.55 -15.99 24.10
N LEU A 222 20.28 -16.71 23.24
CA LEU A 222 19.94 -16.73 21.83
C LEU A 222 18.65 -17.50 21.56
N HIS A 223 18.38 -18.53 22.37
CA HIS A 223 17.18 -19.32 22.17
C HIS A 223 15.93 -18.72 22.83
N SER A 224 16.08 -17.71 23.67
CA SER A 224 14.93 -17.10 24.31
C SER A 224 14.09 -16.35 23.28
N THR A 225 12.83 -16.15 23.62
CA THR A 225 11.86 -15.50 22.74
C THR A 225 10.90 -14.67 23.57
N SER A 226 10.67 -13.43 23.14
CA SER A 226 9.80 -12.52 23.86
C SER A 226 8.36 -13.03 23.82
N PRO A 227 7.58 -12.76 24.87
CA PRO A 227 6.18 -13.22 24.87
C PRO A 227 5.34 -12.68 23.73
N ALA A 228 5.61 -11.47 23.26
CA ALA A 228 4.83 -10.95 22.14
C ALA A 228 5.15 -11.70 20.85
N GLU A 229 6.40 -12.14 20.68
CA GLU A 229 6.75 -12.97 19.54
C GLU A 229 6.00 -14.29 19.58
N GLU A 230 5.92 -14.91 20.75
CA GLU A 230 5.16 -16.15 20.87
C GLU A 230 3.68 -15.92 20.60
N PHE A 231 3.12 -14.82 21.11
CA PHE A 231 1.71 -14.56 20.85
C PHE A 231 1.45 -14.37 19.36
N TYR A 232 2.32 -13.63 18.68
CA TYR A 232 2.08 -13.36 17.27
C TYR A 232 2.28 -14.61 16.42
N THR A 233 3.37 -15.34 16.62
CA THR A 233 3.69 -16.45 15.73
C THR A 233 3.19 -17.80 16.23
N ARG A 234 2.45 -17.84 17.33
CA ARG A 234 1.92 -19.11 17.81
C ARG A 234 0.48 -19.06 18.26
N HIS A 235 -0.12 -17.88 18.42
CA HIS A 235 -1.54 -17.77 18.69
C HIS A 235 -2.28 -17.08 17.56
N VAL A 236 -1.88 -15.86 17.20
CA VAL A 236 -2.57 -15.17 16.12
C VAL A 236 -2.31 -15.86 14.79
N LEU A 237 -1.05 -16.19 14.52
CA LEU A 237 -0.68 -16.80 13.25
C LEU A 237 -0.72 -18.32 13.28
N GLN A 238 -0.33 -18.91 14.40
CA GLN A 238 -0.20 -20.36 14.53
C GLN A 238 0.73 -20.91 13.45
N ILE A 239 1.76 -20.14 13.12
CA ILE A 239 2.69 -20.51 12.07
C ILE A 239 3.54 -21.70 12.44
N HIS A 240 3.51 -22.13 13.71
CA HIS A 240 4.31 -23.26 14.12
C HIS A 240 3.72 -24.59 13.69
N ARG A 241 2.45 -24.62 13.28
CA ARG A 241 1.84 -25.84 12.76
C ARG A 241 1.93 -25.91 11.25
N SER A 242 2.58 -24.94 10.62
CA SER A 242 2.87 -24.95 9.21
C SER A 242 4.37 -25.18 9.02
N LYS A 243 4.73 -26.31 8.41
CA LYS A 243 6.13 -26.61 8.18
C LYS A 243 6.80 -25.59 7.28
N GLY A 244 6.04 -24.85 6.49
CA GLY A 244 6.59 -23.85 5.63
C GLY A 244 5.65 -23.58 4.47
N LEU A 245 6.17 -22.83 3.50
CA LEU A 245 5.41 -22.54 2.29
C LEU A 245 5.06 -23.80 1.52
N GLN A 246 5.80 -24.89 1.74
CA GLN A 246 5.46 -26.15 1.11
C GLN A 246 4.12 -26.69 1.62
N ASP A 247 3.88 -26.61 2.92
CA ASP A 247 2.68 -27.14 3.55
C ASP A 247 1.99 -26.06 4.37
N LEU A 248 0.90 -25.51 3.82
CA LEU A 248 0.11 -24.49 4.50
C LEU A 248 -1.01 -25.13 5.32
N GLY A 249 -0.65 -26.08 6.17
CA GLY A 249 -1.65 -26.97 6.75
C GLY A 249 -2.72 -26.21 7.51
N GLY A 250 -3.97 -26.60 7.29
CA GLY A 250 -5.07 -26.08 8.07
C GLY A 250 -5.48 -24.68 7.67
N ILE A 251 -6.42 -24.14 8.44
CA ILE A 251 -6.89 -22.77 8.24
C ILE A 251 -7.46 -22.27 9.56
N SER A 252 -7.16 -21.01 9.89
CA SER A 252 -7.58 -20.41 11.14
C SER A 252 -9.03 -19.95 11.00
N TRP A 253 -9.91 -20.49 11.85
CA TRP A 253 -11.28 -20.01 11.84
C TRP A 253 -11.40 -18.67 12.53
N GLN A 254 -10.53 -18.39 13.50
CA GLN A 254 -10.53 -17.08 14.15
C GLN A 254 -10.20 -15.99 13.15
N LEU A 255 -9.12 -16.15 12.39
CA LEU A 255 -8.81 -15.15 11.36
C LEU A 255 -9.82 -15.16 10.24
N ALA A 256 -10.44 -16.31 9.96
CA ALA A 256 -11.47 -16.35 8.93
C ALA A 256 -12.66 -15.48 9.32
N LEU A 257 -13.12 -15.60 10.56
CA LEU A 257 -14.18 -14.71 11.02
C LEU A 257 -13.72 -13.26 11.03
N CYS A 258 -12.49 -13.01 11.49
CA CYS A 258 -12.00 -11.64 11.60
C CYS A 258 -11.78 -10.98 10.25
N ILE A 259 -11.70 -11.76 9.17
CA ILE A 259 -11.66 -11.15 7.83
C ILE A 259 -13.01 -11.17 7.14
N MET A 260 -13.91 -12.09 7.49
CA MET A 260 -15.27 -12.00 6.97
C MET A 260 -15.93 -10.73 7.47
N LEU A 261 -15.68 -10.36 8.72
CA LEU A 261 -16.20 -9.08 9.22
C LEU A 261 -15.60 -7.90 8.44
N ILE A 262 -14.31 -7.97 8.12
CA ILE A 262 -13.67 -6.89 7.38
C ILE A 262 -14.27 -6.75 5.99
N PHE A 263 -14.50 -7.86 5.30
CA PHE A 263 -15.07 -7.78 3.97
C PHE A 263 -16.53 -7.35 4.01
N THR A 264 -17.25 -7.70 5.07
CA THR A 264 -18.59 -7.13 5.23
C THR A 264 -18.52 -5.62 5.35
N VAL A 265 -17.59 -5.10 6.15
CA VAL A 265 -17.45 -3.66 6.30
C VAL A 265 -17.10 -3.02 4.96
N ILE A 266 -16.16 -3.61 4.24
CA ILE A 266 -15.72 -3.04 2.96
C ILE A 266 -16.86 -3.00 1.97
N TYR A 267 -17.54 -4.13 1.79
CA TYR A 267 -18.60 -4.19 0.80
C TYR A 267 -19.74 -3.26 1.17
N PHE A 268 -20.08 -3.18 2.44
CA PHE A 268 -21.17 -2.27 2.77
C PHE A 268 -20.73 -0.82 2.82
N SER A 269 -19.44 -0.54 2.71
CA SER A 269 -19.00 0.84 2.58
C SER A 269 -18.86 1.30 1.13
N ILE A 270 -18.54 0.40 0.19
CA ILE A 270 -18.33 0.80 -1.19
C ILE A 270 -19.43 0.30 -2.12
N TRP A 271 -20.51 -0.26 -1.58
CA TRP A 271 -21.51 -0.89 -2.46
C TRP A 271 -22.30 0.14 -3.25
N LYS A 272 -22.80 1.19 -2.61
CA LYS A 272 -23.69 2.10 -3.30
C LYS A 272 -22.97 3.14 -4.13
N GLY A 273 -21.63 3.14 -4.12
CA GLY A 273 -20.86 3.94 -5.06
C GLY A 273 -20.03 4.98 -4.34
N VAL A 274 -20.04 6.20 -4.88
CA VAL A 274 -19.21 7.27 -4.35
C VAL A 274 -20.01 8.23 -3.49
N LYS A 275 -21.32 8.02 -3.37
CA LYS A 275 -22.12 8.84 -2.46
C LYS A 275 -22.07 8.30 -1.04
N THR A 276 -21.75 7.01 -0.87
CA THR A 276 -21.57 6.42 0.44
C THR A 276 -20.12 6.15 0.77
N SER A 277 -19.32 5.70 -0.19
CA SER A 277 -17.90 5.54 0.06
C SER A 277 -17.18 6.85 0.24
N GLY A 278 -17.83 7.98 -0.04
CA GLY A 278 -17.24 9.27 0.19
C GLY A 278 -17.55 9.87 1.53
N LYS A 279 -18.63 9.44 2.17
CA LYS A 279 -18.95 9.88 3.52
C LYS A 279 -18.45 8.92 4.58
N VAL A 280 -18.13 7.67 4.20
CA VAL A 280 -17.48 6.74 5.11
C VAL A 280 -16.06 7.17 5.43
N VAL A 281 -15.33 7.70 4.45
CA VAL A 281 -13.94 8.08 4.65
C VAL A 281 -13.79 9.37 5.42
N TRP A 282 -14.88 9.98 5.89
CA TRP A 282 -14.76 11.07 6.82
C TRP A 282 -14.31 10.61 8.19
N VAL A 283 -14.54 9.34 8.52
CA VAL A 283 -14.23 8.83 9.84
C VAL A 283 -13.18 7.74 9.82
N THR A 284 -12.84 7.18 8.66
CA THR A 284 -11.74 6.23 8.57
C THR A 284 -10.53 6.83 7.89
N ALA A 285 -10.59 8.07 7.43
CA ALA A 285 -9.41 8.78 6.98
C ALA A 285 -9.02 9.91 7.91
N THR A 286 -9.86 10.25 8.90
CA THR A 286 -9.54 11.25 9.90
C THR A 286 -9.37 10.68 11.29
N PHE A 287 -9.86 9.47 11.55
CA PHE A 287 -9.55 8.81 12.82
C PHE A 287 -8.08 8.48 12.98
N PRO A 288 -7.36 7.98 11.98
CA PRO A 288 -5.92 7.74 12.17
C PRO A 288 -5.17 8.97 12.61
N TYR A 289 -5.60 10.17 12.24
CA TYR A 289 -4.91 11.36 12.71
C TYR A 289 -5.25 11.68 14.16
N ILE A 290 -6.52 11.51 14.55
CA ILE A 290 -6.92 11.70 15.94
C ILE A 290 -6.22 10.70 16.83
N ILE A 291 -5.83 9.57 16.28
CA ILE A 291 -5.14 8.53 17.04
C ILE A 291 -3.62 8.73 17.01
N LEU A 292 -3.08 9.18 15.88
CA LEU A 292 -1.67 9.52 15.80
C LEU A 292 -1.33 10.67 16.74
N SER A 293 -2.24 11.63 16.90
CA SER A 293 -1.98 12.72 17.83
C SER A 293 -1.83 12.20 19.25
N VAL A 294 -2.72 11.30 19.66
CA VAL A 294 -2.65 10.74 21.01
C VAL A 294 -1.41 9.89 21.17
N LEU A 295 -1.09 9.09 20.14
CA LEU A 295 0.08 8.22 20.23
C LEU A 295 1.36 9.04 20.27
N LEU A 296 1.41 10.15 19.52
CA LEU A 296 2.58 11.02 19.56
C LEU A 296 2.73 11.70 20.91
N VAL A 297 1.64 12.25 21.44
CA VAL A 297 1.74 12.89 22.74
C VAL A 297 2.14 11.90 23.81
N ARG A 298 1.66 10.65 23.74
CA ARG A 298 2.09 9.65 24.70
C ARG A 298 3.56 9.29 24.51
N GLY A 299 3.96 8.99 23.27
CA GLY A 299 5.33 8.56 23.04
C GLY A 299 6.35 9.62 23.41
N ALA A 300 6.08 10.86 23.06
CA ALA A 300 7.06 11.92 23.27
C ALA A 300 7.40 12.08 24.74
N THR A 301 6.39 12.04 25.61
CA THR A 301 6.61 12.21 27.05
C THR A 301 6.95 10.87 27.71
N LEU A 302 8.03 10.27 27.24
CA LEU A 302 8.45 8.96 27.70
C LEU A 302 9.93 8.98 28.07
N PRO A 303 10.37 8.08 28.95
CA PRO A 303 11.81 7.98 29.24
C PRO A 303 12.50 7.24 28.10
N GLY A 304 13.36 7.95 27.38
CA GLY A 304 14.00 7.40 26.21
C GLY A 304 13.41 7.85 24.89
N ALA A 305 12.70 8.99 24.87
CA ALA A 305 12.19 9.50 23.61
C ALA A 305 13.29 10.12 22.77
N TRP A 306 14.19 10.86 23.39
CA TRP A 306 15.24 11.56 22.64
C TRP A 306 16.11 10.58 21.87
N ARG A 307 16.52 9.48 22.52
CA ARG A 307 17.26 8.45 21.82
C ARG A 307 16.44 7.82 20.71
N GLY A 308 15.12 7.85 20.83
CA GLY A 308 14.28 7.27 19.80
C GLY A 308 14.14 8.16 18.59
N VAL A 309 14.22 9.48 18.80
CA VAL A 309 14.21 10.43 17.71
C VAL A 309 15.61 10.70 17.17
N LEU A 310 16.59 10.86 18.04
CA LEU A 310 17.97 11.08 17.62
C LEU A 310 18.54 9.90 16.83
N PHE A 311 17.94 8.72 16.93
CA PHE A 311 18.30 7.61 16.06
C PHE A 311 17.40 7.50 14.85
N TYR A 312 16.44 8.40 14.70
CA TYR A 312 15.59 8.46 13.53
C TYR A 312 16.00 9.56 12.57
N LEU A 313 16.47 10.69 13.10
CA LEU A 313 16.86 11.83 12.29
C LEU A 313 18.38 12.04 12.28
N LYS A 314 19.16 11.10 12.77
CA LYS A 314 20.60 11.23 12.67
C LYS A 314 21.03 10.92 11.24
N PRO A 315 21.75 11.81 10.57
CA PRO A 315 22.08 11.58 9.16
C PRO A 315 23.35 10.76 9.03
N ASN A 316 23.25 9.61 8.37
CA ASN A 316 24.42 8.91 7.86
C ASN A 316 24.63 9.46 6.46
N TRP A 317 25.41 10.53 6.34
CA TRP A 317 25.59 11.17 5.04
C TRP A 317 26.28 10.25 4.06
N GLN A 318 27.26 9.46 4.52
CA GLN A 318 27.93 8.53 3.65
C GLN A 318 26.98 7.50 3.05
N LYS A 319 25.82 7.28 3.67
CA LYS A 319 24.83 6.39 3.10
C LYS A 319 24.25 6.92 1.81
N LEU A 320 24.29 8.24 1.59
CA LEU A 320 23.78 8.80 0.35
C LEU A 320 24.58 8.36 -0.86
N LEU A 321 25.83 7.94 -0.66
CA LEU A 321 26.70 7.57 -1.77
C LEU A 321 26.32 6.24 -2.40
N GLU A 322 25.47 5.45 -1.76
CA GLU A 322 25.10 4.13 -2.24
C GLU A 322 23.81 4.22 -3.04
N THR A 323 23.82 3.67 -4.25
CA THR A 323 22.66 3.76 -5.12
C THR A 323 21.44 3.10 -4.51
N GLY A 324 21.63 2.17 -3.57
CA GLY A 324 20.51 1.53 -2.94
C GLY A 324 19.59 2.50 -2.22
N VAL A 325 20.16 3.55 -1.62
CA VAL A 325 19.35 4.52 -0.89
C VAL A 325 18.40 5.23 -1.84
N TRP A 326 18.89 5.65 -3.01
CA TRP A 326 18.02 6.31 -3.97
C TRP A 326 17.03 5.35 -4.58
N ILE A 327 17.45 4.11 -4.84
CA ILE A 327 16.55 3.09 -5.36
C ILE A 327 15.38 2.91 -4.40
N ASP A 328 15.70 2.82 -3.11
CA ASP A 328 14.70 2.58 -2.08
C ASP A 328 13.81 3.80 -1.88
N ALA A 329 14.37 5.01 -1.94
CA ALA A 329 13.55 6.21 -1.84
C ALA A 329 12.55 6.29 -2.98
N ALA A 330 13.00 5.94 -4.19
CA ALA A 330 12.12 5.92 -5.35
C ALA A 330 11.00 4.90 -5.17
N ALA A 331 11.35 3.69 -4.74
CA ALA A 331 10.34 2.66 -4.53
C ALA A 331 9.35 3.10 -3.45
N GLN A 332 9.84 3.68 -2.36
CA GLN A 332 8.98 4.09 -1.27
C GLN A 332 8.00 5.16 -1.73
N ILE A 333 8.48 6.17 -2.46
CA ILE A 333 7.60 7.25 -2.85
C ILE A 333 6.57 6.75 -3.86
N PHE A 334 6.98 5.88 -4.79
CA PHE A 334 6.02 5.42 -5.79
C PHE A 334 4.98 4.50 -5.19
N PHE A 335 5.37 3.68 -4.22
CA PHE A 335 4.44 2.73 -3.63
C PHE A 335 3.70 3.30 -2.42
N SER A 336 4.01 4.52 -2.00
CA SER A 336 3.19 5.22 -1.02
C SER A 336 2.23 6.20 -1.65
N LEU A 337 2.63 6.89 -2.74
CA LEU A 337 1.69 7.74 -3.46
C LEU A 337 0.75 6.91 -4.32
N GLY A 338 1.26 5.84 -4.91
CA GLY A 338 0.49 4.96 -5.76
C GLY A 338 -0.01 5.56 -7.06
N PRO A 339 0.85 6.26 -7.81
CA PRO A 339 0.41 6.78 -9.11
C PRO A 339 0.54 5.75 -10.22
N GLY A 340 -0.48 4.93 -10.43
CA GLY A 340 -0.39 3.89 -11.44
C GLY A 340 -1.11 2.62 -11.09
N PHE A 341 -1.76 2.58 -9.93
CA PHE A 341 -2.59 1.45 -9.55
C PHE A 341 -4.01 1.56 -10.10
N GLY A 342 -4.33 2.60 -10.85
CA GLY A 342 -5.63 2.73 -11.45
C GLY A 342 -6.70 3.28 -10.54
N VAL A 343 -6.34 3.75 -9.34
CA VAL A 343 -7.33 4.28 -8.42
C VAL A 343 -7.45 5.80 -8.52
N LEU A 344 -6.35 6.50 -8.79
CA LEU A 344 -6.42 7.95 -8.92
C LEU A 344 -7.31 8.35 -10.07
N LEU A 345 -7.25 7.61 -11.18
CA LEU A 345 -8.17 7.87 -12.29
C LEU A 345 -9.61 7.64 -11.86
N ALA A 346 -9.87 6.56 -11.11
CA ALA A 346 -11.24 6.27 -10.71
C ALA A 346 -11.79 7.34 -9.79
N PHE A 347 -10.98 7.83 -8.86
CA PHE A 347 -11.44 8.88 -7.95
C PHE A 347 -11.61 10.20 -8.66
N ALA A 348 -10.66 10.56 -9.53
CA ALA A 348 -10.72 11.85 -10.19
C ALA A 348 -11.77 11.90 -11.28
N SER A 349 -12.19 10.76 -11.83
CA SER A 349 -13.20 10.80 -12.89
C SER A 349 -14.52 11.32 -12.37
N TYR A 350 -14.80 11.14 -11.10
CA TYR A 350 -16.03 11.64 -10.51
C TYR A 350 -16.00 13.14 -10.25
N ASN A 351 -14.83 13.78 -10.33
CA ASN A 351 -14.74 15.20 -10.07
C ASN A 351 -15.52 15.99 -11.11
N LYS A 352 -15.87 17.22 -10.74
CA LYS A 352 -16.41 18.11 -11.75
C LYS A 352 -15.33 18.44 -12.77
N PHE A 353 -15.77 18.87 -13.94
CA PHE A 353 -14.82 19.20 -15.00
C PHE A 353 -13.89 20.33 -14.58
N ASN A 354 -14.45 21.44 -14.13
CA ASN A 354 -13.66 22.63 -13.79
C ASN A 354 -12.95 22.51 -12.45
N ASN A 355 -12.93 21.32 -11.86
CA ASN A 355 -12.27 21.14 -10.57
C ASN A 355 -10.77 21.29 -10.71
N ASN A 356 -10.14 21.89 -9.71
CA ASN A 356 -8.72 22.18 -9.73
C ASN A 356 -7.95 20.94 -9.29
N CYS A 357 -7.39 20.20 -10.25
CA CYS A 357 -6.62 19.01 -9.92
C CYS A 357 -5.19 19.35 -9.52
N TYR A 358 -4.72 20.53 -9.86
CA TYR A 358 -3.37 20.94 -9.45
C TYR A 358 -3.29 21.06 -7.94
N GLN A 359 -4.21 21.84 -7.35
CA GLN A 359 -4.21 22.03 -5.91
C GLN A 359 -4.50 20.73 -5.19
N ASP A 360 -5.39 19.90 -5.73
CA ASP A 360 -5.68 18.61 -5.11
C ASP A 360 -4.46 17.70 -5.13
N ALA A 361 -3.75 17.65 -6.25
CA ALA A 361 -2.55 16.80 -6.32
C ALA A 361 -1.50 17.29 -5.33
N LEU A 362 -1.26 18.60 -5.30
CA LEU A 362 -0.27 19.14 -4.37
C LEU A 362 -0.64 18.82 -2.93
N VAL A 363 -1.89 19.09 -2.55
CA VAL A 363 -2.30 18.94 -1.17
C VAL A 363 -2.28 17.48 -0.75
N THR A 364 -2.86 16.59 -1.55
CA THR A 364 -2.92 15.21 -1.14
C THR A 364 -1.63 14.44 -1.36
N SER A 365 -0.61 15.06 -1.98
CA SER A 365 0.71 14.47 -1.95
C SER A 365 1.53 14.97 -0.77
N VAL A 366 1.46 16.26 -0.48
CA VAL A 366 2.17 16.80 0.67
C VAL A 366 1.64 16.20 1.96
N VAL A 367 0.32 16.00 2.05
CA VAL A 367 -0.26 15.40 3.24
C VAL A 367 0.23 13.97 3.41
N ASN A 368 0.31 13.23 2.30
CA ASN A 368 0.84 11.87 2.37
C ASN A 368 2.27 11.85 2.90
N CYS A 369 3.14 12.71 2.34
CA CYS A 369 4.53 12.70 2.75
C CYS A 369 4.68 13.12 4.21
N MET A 370 3.98 14.17 4.63
CA MET A 370 4.10 14.61 6.01
C MET A 370 3.49 13.59 6.97
N THR A 371 2.44 12.88 6.56
CA THR A 371 1.90 11.82 7.41
C THR A 371 2.90 10.70 7.58
N SER A 372 3.61 10.34 6.51
CA SER A 372 4.65 9.32 6.64
C SER A 372 5.73 9.77 7.61
N PHE A 373 6.15 11.03 7.52
CA PHE A 373 7.17 11.54 8.42
C PHE A 373 6.71 11.51 9.89
N VAL A 374 5.48 11.95 10.14
CA VAL A 374 5.00 12.01 11.52
C VAL A 374 4.78 10.60 12.08
N SER A 375 4.28 9.68 11.26
CA SER A 375 4.14 8.31 11.72
C SER A 375 5.50 7.70 12.05
N GLY A 376 6.51 8.01 11.25
CA GLY A 376 7.86 7.61 11.61
C GLY A 376 8.27 8.17 12.96
N PHE A 377 7.90 9.41 13.24
CA PHE A 377 8.24 10.01 14.54
C PHE A 377 7.63 9.21 15.68
N VAL A 378 6.35 8.88 15.59
CA VAL A 378 5.72 8.17 16.71
C VAL A 378 6.31 6.78 16.87
N ILE A 379 6.52 6.08 15.75
CA ILE A 379 7.08 4.73 15.82
C ILE A 379 8.45 4.76 16.49
N PHE A 380 9.30 5.70 16.08
CA PHE A 380 10.66 5.72 16.61
C PHE A 380 10.75 6.26 18.02
N THR A 381 9.84 7.16 18.42
CA THR A 381 9.83 7.57 19.82
C THR A 381 9.47 6.40 20.73
N VAL A 382 8.47 5.61 20.32
CA VAL A 382 8.12 4.43 21.12
C VAL A 382 9.27 3.41 21.12
N LEU A 383 9.90 3.20 19.96
CA LEU A 383 11.04 2.29 19.90
C LEU A 383 12.15 2.74 20.83
N GLY A 384 12.44 4.04 20.86
CA GLY A 384 13.48 4.54 21.73
C GLY A 384 13.14 4.34 23.19
N TYR A 385 11.86 4.54 23.54
CA TYR A 385 11.45 4.26 24.92
C TYR A 385 11.72 2.80 25.28
N MET A 386 11.29 1.88 24.42
CA MET A 386 11.44 0.47 24.74
C MET A 386 12.89 0.01 24.73
N ALA A 387 13.75 0.64 23.93
CA ALA A 387 15.16 0.31 23.97
C ALA A 387 15.86 0.92 25.17
N GLU A 388 15.37 2.06 25.68
CA GLU A 388 15.93 2.63 26.89
C GLU A 388 15.48 1.87 28.13
N MET A 389 14.27 1.29 28.11
CA MET A 389 13.83 0.48 29.23
C MET A 389 14.73 -0.73 29.43
N ARG A 390 15.11 -1.40 28.34
CA ARG A 390 16.04 -2.51 28.41
C ARG A 390 17.48 -2.08 28.68
N ASN A 391 17.78 -0.78 28.55
CA ASN A 391 19.14 -0.27 28.68
C ASN A 391 20.10 -0.99 27.74
N GLU A 392 19.62 -1.28 26.54
CA GLU A 392 20.42 -1.89 25.48
C GLU A 392 20.18 -1.13 24.18
N ASP A 393 21.13 -1.27 23.25
CA ASP A 393 21.16 -0.42 22.07
C ASP A 393 20.04 -0.79 21.09
N VAL A 394 19.68 0.19 20.27
CA VAL A 394 18.70 0.02 19.21
C VAL A 394 19.40 -0.68 18.04
N SER A 395 18.62 -1.08 17.04
CA SER A 395 18.96 -1.91 15.87
C SER A 395 18.97 -3.39 16.22
N GLU A 396 18.84 -3.76 17.49
CA GLU A 396 18.48 -5.13 17.84
C GLU A 396 17.05 -5.24 18.33
N VAL A 397 16.44 -4.12 18.72
CA VAL A 397 15.01 -4.08 19.00
C VAL A 397 14.21 -4.33 17.72
N ALA A 398 14.56 -3.61 16.65
CA ALA A 398 13.85 -3.70 15.38
C ALA A 398 14.50 -4.72 14.45
N LYS A 399 14.66 -5.96 14.93
CA LYS A 399 15.25 -6.99 14.08
C LYS A 399 14.34 -7.34 12.92
N ASP A 400 13.04 -7.41 13.17
CA ASP A 400 12.08 -7.89 12.19
C ASP A 400 11.67 -6.80 11.21
N ALA A 401 11.76 -7.12 9.93
CA ALA A 401 11.47 -6.18 8.84
C ALA A 401 10.17 -6.62 8.16
N GLY A 402 9.06 -6.15 8.69
CA GLY A 402 7.76 -6.51 8.14
C GLY A 402 6.64 -6.09 9.06
N PRO A 403 5.44 -6.62 8.84
CA PRO A 403 4.33 -6.32 9.76
C PRO A 403 4.58 -6.81 11.16
N SER A 404 5.55 -7.70 11.37
CA SER A 404 5.94 -8.11 12.71
C SER A 404 6.27 -6.90 13.57
N LEU A 405 6.87 -5.87 12.98
CA LEU A 405 7.21 -4.67 13.74
C LEU A 405 5.98 -4.08 14.42
N LEU A 406 4.84 -4.12 13.75
CA LEU A 406 3.61 -3.61 14.35
C LEU A 406 3.05 -4.55 15.40
N PHE A 407 3.25 -5.87 15.24
CA PHE A 407 2.59 -6.83 16.08
C PHE A 407 3.48 -7.48 17.13
N ILE A 408 4.80 -7.46 16.94
CA ILE A 408 5.74 -8.00 17.90
C ILE A 408 6.43 -6.91 18.70
N THR A 409 6.98 -5.91 18.02
CA THR A 409 7.75 -4.88 18.70
C THR A 409 6.86 -3.81 19.31
N TYR A 410 6.07 -3.13 18.47
CA TYR A 410 5.22 -2.06 18.98
C TYR A 410 4.20 -2.60 19.95
N ALA A 411 3.70 -3.81 19.75
CA ALA A 411 2.78 -4.40 20.73
C ALA A 411 3.46 -4.58 22.07
N GLU A 412 4.73 -4.99 22.07
CA GLU A 412 5.49 -5.10 23.31
C GLU A 412 5.58 -3.74 24.00
N ALA A 413 6.03 -2.74 23.26
CA ALA A 413 6.26 -1.43 23.87
C ALA A 413 4.96 -0.83 24.38
N ILE A 414 3.86 -1.07 23.67
CA ILE A 414 2.54 -0.66 24.15
C ILE A 414 2.18 -1.40 25.42
N ALA A 415 2.44 -2.72 25.45
CA ALA A 415 2.10 -3.51 26.60
C ALA A 415 2.87 -3.09 27.85
N ASN A 416 3.99 -2.41 27.68
CA ASN A 416 4.68 -1.88 28.86
C ASN A 416 4.28 -0.45 29.22
N MET A 417 3.37 0.17 28.47
CA MET A 417 2.96 1.54 28.76
C MET A 417 2.15 1.58 30.06
N PRO A 418 1.98 2.78 30.66
CA PRO A 418 1.17 2.87 31.89
C PRO A 418 -0.26 2.38 31.72
N ALA A 419 -1.01 2.97 30.81
CA ALA A 419 -2.35 2.49 30.48
C ALA A 419 -2.24 1.65 29.20
N SER A 420 -1.76 0.43 29.37
CA SER A 420 -1.46 -0.42 28.22
C SER A 420 -2.71 -0.74 27.42
N THR A 421 -3.83 -1.02 28.09
CA THR A 421 -5.03 -1.47 27.41
C THR A 421 -5.57 -0.41 26.46
N PHE A 422 -5.66 0.83 26.94
CA PHE A 422 -6.23 1.90 26.14
C PHE A 422 -5.38 2.14 24.89
N PHE A 423 -4.06 2.15 25.05
CA PHE A 423 -3.21 2.42 23.91
C PHE A 423 -3.17 1.24 22.96
N ALA A 424 -3.33 0.02 23.44
CA ALA A 424 -3.43 -1.12 22.54
C ALA A 424 -4.69 -1.04 21.68
N ILE A 425 -5.84 -0.80 22.32
CA ILE A 425 -7.08 -0.68 21.56
C ILE A 425 -6.97 0.46 20.56
N ILE A 426 -6.43 1.60 20.99
CA ILE A 426 -6.32 2.78 20.14
C ILE A 426 -5.40 2.51 18.95
N PHE A 427 -4.26 1.85 19.20
CA PHE A 427 -3.31 1.60 18.12
C PHE A 427 -3.88 0.64 17.09
N PHE A 428 -4.60 -0.40 17.53
CA PHE A 428 -5.10 -1.34 16.54
C PHE A 428 -6.33 -0.80 15.82
N LEU A 429 -7.10 0.08 16.46
CA LEU A 429 -8.11 0.82 15.72
C LEU A 429 -7.47 1.71 14.66
N MET A 430 -6.35 2.35 14.98
CA MET A 430 -5.61 3.10 13.98
C MET A 430 -5.24 2.21 12.81
N LEU A 431 -4.71 1.02 13.08
CA LEU A 431 -4.26 0.14 12.00
C LEU A 431 -5.43 -0.27 11.11
N ILE A 432 -6.56 -0.66 11.71
CA ILE A 432 -7.70 -1.10 10.91
C ILE A 432 -8.23 0.06 10.06
N THR A 433 -8.40 1.24 10.66
CA THR A 433 -8.90 2.38 9.90
C THR A 433 -7.86 2.88 8.90
N LEU A 434 -6.59 2.54 9.09
CA LEU A 434 -5.55 2.89 8.14
C LEU A 434 -5.64 2.02 6.90
N GLY A 435 -5.92 0.73 7.08
CA GLY A 435 -6.03 -0.15 5.93
C GLY A 435 -7.38 -0.13 5.23
N LEU A 436 -8.44 0.23 5.95
CA LEU A 436 -9.77 0.16 5.38
C LEU A 436 -9.92 1.09 4.18
N ASP A 437 -9.38 2.32 4.29
CA ASP A 437 -9.51 3.26 3.18
C ASP A 437 -8.80 2.76 1.94
N SER A 438 -7.61 2.18 2.11
CA SER A 438 -6.87 1.67 0.97
C SER A 438 -7.61 0.52 0.30
N THR A 439 -8.22 -0.37 1.10
CA THR A 439 -9.00 -1.44 0.49
C THR A 439 -10.22 -0.90 -0.25
N PHE A 440 -10.94 0.06 0.36
CA PHE A 440 -12.03 0.73 -0.33
C PHE A 440 -11.56 1.27 -1.67
N ALA A 441 -10.40 1.94 -1.67
CA ALA A 441 -9.93 2.63 -2.84
C ALA A 441 -9.56 1.66 -3.95
N GLY A 442 -8.81 0.61 -3.64
CA GLY A 442 -8.45 -0.35 -4.66
C GLY A 442 -9.66 -1.06 -5.24
N LEU A 443 -10.55 -1.53 -4.36
CA LEU A 443 -11.74 -2.22 -4.83
C LEU A 443 -12.61 -1.30 -5.67
N GLU A 444 -12.75 -0.04 -5.26
CA GLU A 444 -13.58 0.88 -6.03
C GLU A 444 -12.92 1.31 -7.34
N GLY A 445 -11.59 1.34 -7.39
CA GLY A 445 -10.92 1.53 -8.66
C GLY A 445 -11.26 0.44 -9.65
N VAL A 446 -11.18 -0.82 -9.21
CA VAL A 446 -11.54 -1.92 -10.10
C VAL A 446 -13.02 -1.84 -10.48
N ILE A 447 -13.89 -1.54 -9.50
CA ILE A 447 -15.31 -1.50 -9.77
C ILE A 447 -15.64 -0.41 -10.78
N THR A 448 -15.06 0.77 -10.62
CA THR A 448 -15.30 1.85 -11.57
C THR A 448 -14.78 1.50 -12.95
N ALA A 449 -13.59 0.92 -13.03
CA ALA A 449 -13.03 0.54 -14.33
C ALA A 449 -13.95 -0.42 -15.07
N VAL A 450 -14.41 -1.47 -14.38
CA VAL A 450 -15.26 -2.46 -15.05
C VAL A 450 -16.65 -1.92 -15.32
N LEU A 451 -17.18 -1.09 -14.41
CA LEU A 451 -18.50 -0.51 -14.61
C LEU A 451 -18.52 0.44 -15.79
N ASP A 452 -17.39 1.08 -16.07
CA ASP A 452 -17.30 2.02 -17.18
C ASP A 452 -16.95 1.34 -18.50
N GLU A 453 -16.11 0.30 -18.47
CA GLU A 453 -15.77 -0.39 -19.71
C GLU A 453 -16.98 -1.10 -20.30
N PHE A 454 -17.76 -1.80 -19.46
CA PHE A 454 -18.99 -2.45 -19.89
C PHE A 454 -20.16 -1.72 -19.25
N PRO A 455 -20.73 -0.71 -19.89
CA PRO A 455 -21.74 0.11 -19.24
C PRO A 455 -23.13 -0.49 -19.29
N HIS A 456 -23.44 -1.26 -20.33
CA HIS A 456 -24.79 -1.78 -20.50
C HIS A 456 -25.09 -2.88 -19.48
N VAL A 457 -24.19 -3.83 -19.34
CA VAL A 457 -24.25 -4.81 -18.26
C VAL A 457 -23.57 -4.22 -17.05
N TRP A 458 -24.11 -4.50 -15.87
CA TRP A 458 -23.69 -3.84 -14.64
C TRP A 458 -23.90 -2.33 -14.74
N ALA A 459 -25.15 -1.93 -14.93
CA ALA A 459 -25.53 -0.52 -14.88
C ALA A 459 -26.45 -0.24 -13.70
N LYS A 460 -27.58 -0.93 -13.64
CA LYS A 460 -28.48 -0.86 -12.49
C LYS A 460 -28.10 -1.87 -11.42
N ARG A 461 -26.92 -2.47 -11.52
CA ARG A 461 -26.49 -3.54 -10.62
C ARG A 461 -25.06 -3.31 -10.16
N ARG A 462 -24.76 -2.10 -9.68
CA ARG A 462 -23.47 -1.88 -9.04
C ARG A 462 -23.34 -2.73 -7.79
N GLU A 463 -24.44 -2.93 -7.06
CA GLU A 463 -24.37 -3.70 -5.82
C GLU A 463 -23.96 -5.14 -6.08
N ARG A 464 -24.55 -5.79 -7.08
CA ARG A 464 -24.20 -7.17 -7.38
C ARG A 464 -22.77 -7.29 -7.84
N PHE A 465 -22.28 -6.35 -8.64
CA PHE A 465 -20.90 -6.42 -9.08
C PHE A 465 -19.93 -6.20 -7.92
N VAL A 466 -20.26 -5.27 -7.01
CA VAL A 466 -19.40 -5.10 -5.84
C VAL A 466 -19.42 -6.35 -4.97
N LEU A 467 -20.58 -7.01 -4.89
CA LEU A 467 -20.67 -8.26 -4.17
C LEU A 467 -19.77 -9.31 -4.79
N ALA A 468 -19.77 -9.41 -6.12
CA ALA A 468 -18.93 -10.39 -6.80
C ALA A 468 -17.46 -10.07 -6.61
N VAL A 469 -17.09 -8.79 -6.67
CA VAL A 469 -15.70 -8.40 -6.45
C VAL A 469 -15.25 -8.74 -5.03
N VAL A 470 -16.10 -8.45 -4.04
CA VAL A 470 -15.74 -8.73 -2.66
C VAL A 470 -15.64 -10.24 -2.41
N ILE A 471 -16.58 -11.01 -2.96
CA ILE A 471 -16.54 -12.45 -2.78
C ILE A 471 -15.29 -13.03 -3.43
N THR A 472 -14.96 -12.56 -4.64
CA THR A 472 -13.75 -13.04 -5.31
C THR A 472 -12.51 -12.69 -4.50
N CYS A 473 -12.45 -11.48 -3.94
CA CYS A 473 -11.29 -11.09 -3.15
C CYS A 473 -11.18 -11.95 -1.90
N PHE A 474 -12.29 -12.22 -1.23
CA PHE A 474 -12.25 -13.07 -0.04
C PHE A 474 -11.81 -14.48 -0.38
N PHE A 475 -12.34 -15.05 -1.47
CA PHE A 475 -11.94 -16.39 -1.86
C PHE A 475 -10.48 -16.43 -2.26
N GLY A 476 -9.95 -15.35 -2.82
CA GLY A 476 -8.52 -15.28 -3.07
C GLY A 476 -7.71 -15.12 -1.81
N SER A 477 -8.32 -14.59 -0.76
CA SER A 477 -7.67 -14.41 0.53
C SER A 477 -7.86 -15.61 1.45
N LEU A 478 -8.45 -16.69 0.94
CA LEU A 478 -8.63 -17.89 1.76
C LEU A 478 -7.34 -18.66 1.95
N VAL A 479 -6.30 -18.34 1.18
CA VAL A 479 -5.04 -19.07 1.31
C VAL A 479 -4.11 -18.39 2.30
N THR A 480 -4.10 -17.07 2.35
CA THR A 480 -3.29 -16.34 3.32
C THR A 480 -3.84 -16.46 4.74
N LEU A 481 -5.01 -17.04 4.91
CA LEU A 481 -5.59 -17.26 6.23
C LEU A 481 -5.21 -18.62 6.82
N THR A 482 -4.46 -19.43 6.08
CA THR A 482 -4.03 -20.72 6.58
C THR A 482 -2.94 -20.52 7.64
N PHE A 483 -2.34 -21.63 8.07
CA PHE A 483 -1.30 -21.51 9.10
C PHE A 483 0.01 -20.99 8.52
N GLY A 484 0.35 -21.41 7.32
CA GLY A 484 1.45 -20.79 6.63
C GLY A 484 0.99 -19.49 5.98
N GLY A 485 0.06 -18.81 6.64
CA GLY A 485 -0.51 -17.61 6.06
C GLY A 485 0.51 -16.51 5.90
N ALA A 486 1.36 -16.32 6.90
CA ALA A 486 2.34 -15.24 6.82
C ALA A 486 3.30 -15.45 5.65
N TYR A 487 3.57 -16.72 5.30
CA TYR A 487 4.47 -16.99 4.19
C TYR A 487 3.87 -16.51 2.87
N VAL A 488 2.59 -16.82 2.63
CA VAL A 488 1.96 -16.35 1.41
C VAL A 488 1.74 -14.86 1.44
N VAL A 489 1.50 -14.28 2.63
CA VAL A 489 1.37 -12.83 2.72
C VAL A 489 2.67 -12.15 2.30
N LYS A 490 3.80 -12.66 2.79
CA LYS A 490 5.09 -12.08 2.37
C LYS A 490 5.34 -12.32 0.89
N LEU A 491 5.01 -13.51 0.39
CA LEU A 491 5.25 -13.81 -1.03
C LEU A 491 4.43 -12.90 -1.93
N LEU A 492 3.17 -12.63 -1.57
CA LEU A 492 2.36 -11.71 -2.35
C LEU A 492 2.77 -10.26 -2.11
N GLU A 493 3.35 -9.96 -0.95
CA GLU A 493 3.76 -8.60 -0.65
C GLU A 493 4.96 -8.19 -1.49
N GLU A 494 5.94 -9.10 -1.62
CA GLU A 494 7.13 -8.76 -2.39
C GLU A 494 6.85 -8.77 -3.88
N TYR A 495 6.35 -9.88 -4.39
CA TYR A 495 5.93 -9.97 -5.78
C TYR A 495 4.58 -9.29 -5.93
N ALA A 496 3.89 -9.51 -7.06
CA ALA A 496 2.61 -8.88 -7.33
C ALA A 496 2.77 -7.37 -7.43
N THR A 497 3.06 -6.71 -6.32
CA THR A 497 3.37 -5.27 -6.32
C THR A 497 4.87 -5.08 -6.46
N GLY A 498 5.36 -5.35 -7.67
CA GLY A 498 6.77 -5.23 -7.97
C GLY A 498 6.98 -4.56 -9.31
N PRO A 499 7.81 -5.16 -10.15
CA PRO A 499 8.02 -4.60 -11.50
C PRO A 499 6.78 -4.64 -12.36
N ALA A 500 5.76 -5.42 -12.00
CA ALA A 500 4.53 -5.43 -12.79
C ALA A 500 3.79 -4.10 -12.64
N VAL A 501 3.61 -3.63 -11.41
CA VAL A 501 2.94 -2.36 -11.17
C VAL A 501 3.74 -1.22 -11.78
N LEU A 502 5.05 -1.23 -11.58
CA LEU A 502 5.89 -0.17 -12.13
C LEU A 502 5.87 -0.18 -13.65
N THR A 503 5.85 -1.37 -14.25
CA THR A 503 5.79 -1.43 -15.71
C THR A 503 4.46 -0.92 -16.23
N VAL A 504 3.36 -1.25 -15.54
CA VAL A 504 2.06 -0.71 -15.96
C VAL A 504 2.06 0.80 -15.87
N ALA A 505 2.60 1.35 -14.79
CA ALA A 505 2.65 2.81 -14.65
C ALA A 505 3.54 3.45 -15.70
N LEU A 506 4.66 2.81 -16.02
CA LEU A 506 5.56 3.33 -17.04
C LEU A 506 4.89 3.33 -18.41
N ILE A 507 4.15 2.27 -18.73
CA ILE A 507 3.44 2.23 -20.00
C ILE A 507 2.36 3.29 -20.03
N GLU A 508 1.71 3.56 -18.89
CA GLU A 508 0.73 4.64 -18.85
C GLU A 508 1.37 5.99 -19.12
N ALA A 509 2.47 6.27 -18.44
CA ALA A 509 3.14 7.56 -18.62
C ALA A 509 3.64 7.73 -20.04
N VAL A 510 4.19 6.66 -20.63
CA VAL A 510 4.66 6.72 -22.01
C VAL A 510 3.50 6.89 -22.98
N ALA A 511 2.38 6.22 -22.72
CA ALA A 511 1.23 6.31 -23.62
C ALA A 511 0.65 7.71 -23.63
N VAL A 512 0.53 8.34 -22.45
CA VAL A 512 -0.05 9.68 -22.41
C VAL A 512 0.94 10.71 -22.92
N SER A 513 2.19 10.66 -22.45
CA SER A 513 3.14 11.72 -22.73
C SER A 513 3.71 11.64 -24.14
N TRP A 514 3.98 10.45 -24.64
CA TRP A 514 4.60 10.32 -25.96
C TRP A 514 3.58 10.12 -27.07
N PHE A 515 2.64 9.18 -26.89
CA PHE A 515 1.69 8.86 -27.95
C PHE A 515 0.57 9.88 -28.02
N TYR A 516 -0.16 10.07 -26.92
CA TYR A 516 -1.20 11.09 -26.89
C TYR A 516 -0.62 12.48 -27.03
N GLY A 517 0.64 12.65 -26.67
CA GLY A 517 1.31 13.93 -26.81
C GLY A 517 1.13 14.79 -25.59
N ILE A 518 2.22 15.28 -25.01
CA ILE A 518 2.10 16.15 -23.85
C ILE A 518 1.60 17.53 -24.23
N THR A 519 1.69 17.90 -25.51
CA THR A 519 1.11 19.17 -25.92
C THR A 519 -0.42 19.12 -25.88
N GLN A 520 -1.00 18.01 -26.33
CA GLN A 520 -2.45 17.86 -26.26
C GLN A 520 -2.93 17.65 -24.83
N PHE A 521 -2.14 16.93 -24.03
CA PHE A 521 -2.48 16.80 -22.62
C PHE A 521 -2.43 18.14 -21.92
N CYS A 522 -1.47 18.99 -22.27
CA CYS A 522 -1.41 20.33 -21.69
C CYS A 522 -2.54 21.21 -22.19
N ARG A 523 -2.99 21.03 -23.43
CA ARG A 523 -4.19 21.73 -23.88
C ARG A 523 -5.41 21.32 -23.06
N ASP A 524 -5.56 20.02 -22.81
CA ASP A 524 -6.67 19.54 -21.99
C ASP A 524 -6.61 20.13 -20.58
N VAL A 525 -5.43 20.10 -19.97
CA VAL A 525 -5.29 20.61 -18.62
C VAL A 525 -5.52 22.12 -18.58
N LYS A 526 -5.10 22.84 -19.62
CA LYS A 526 -5.36 24.27 -19.63
C LYS A 526 -6.84 24.57 -19.80
N GLU A 527 -7.55 23.80 -20.61
CA GLU A 527 -8.98 24.07 -20.78
C GLU A 527 -9.79 23.61 -19.57
N MET A 528 -9.24 22.72 -18.74
CA MET A 528 -9.88 22.39 -17.48
C MET A 528 -9.56 23.43 -16.41
N LEU A 529 -8.29 23.55 -16.04
CA LEU A 529 -7.90 24.38 -14.91
C LEU A 529 -8.03 25.86 -15.23
N GLY A 530 -7.51 26.29 -16.38
CA GLY A 530 -7.40 27.70 -16.70
C GLY A 530 -5.98 28.16 -16.94
N PHE A 531 -4.98 27.29 -16.75
CA PHE A 531 -3.60 27.61 -17.06
C PHE A 531 -2.90 26.38 -17.59
N SER A 532 -2.06 26.55 -18.61
CA SER A 532 -1.29 25.43 -19.13
C SER A 532 -0.22 25.04 -18.12
N PRO A 533 0.09 23.75 -18.01
CA PRO A 533 1.11 23.32 -17.05
C PRO A 533 2.46 23.98 -17.36
N GLY A 534 3.19 24.30 -16.31
CA GLY A 534 4.47 24.95 -16.47
C GLY A 534 5.48 24.06 -17.15
N TRP A 535 6.66 24.63 -17.40
CA TRP A 535 7.71 23.85 -18.04
C TRP A 535 8.19 22.72 -17.15
N PHE A 536 8.13 22.90 -15.84
CA PHE A 536 8.54 21.82 -14.94
C PHE A 536 7.65 20.60 -15.11
N TRP A 537 6.35 20.81 -15.25
CA TRP A 537 5.44 19.68 -15.36
C TRP A 537 5.62 18.94 -16.67
N ARG A 538 5.77 19.66 -17.77
CA ARG A 538 5.99 19.00 -19.05
C ARG A 538 7.33 18.27 -19.06
N ILE A 539 8.36 18.85 -18.46
CA ILE A 539 9.66 18.20 -18.41
C ILE A 539 9.62 16.96 -17.52
N CYS A 540 8.87 17.01 -16.43
CA CYS A 540 8.76 15.84 -15.57
C CYS A 540 7.79 14.80 -16.06
N TRP A 541 6.92 15.13 -17.01
CA TRP A 541 6.02 14.16 -17.60
C TRP A 541 6.64 13.46 -18.79
N VAL A 542 7.25 14.22 -19.70
CA VAL A 542 7.83 13.61 -20.90
C VAL A 542 9.04 12.76 -20.54
N ALA A 543 9.96 13.32 -19.75
CA ALA A 543 11.29 12.73 -19.62
C ALA A 543 11.55 12.14 -18.25
N ILE A 544 11.46 12.92 -17.18
CA ILE A 544 12.00 12.46 -15.90
C ILE A 544 11.17 11.33 -15.31
N SER A 545 9.84 11.45 -15.34
CA SER A 545 9.02 10.41 -14.71
C SER A 545 9.20 9.05 -15.37
N PRO A 546 9.17 8.90 -16.70
CA PRO A 546 9.55 7.59 -17.27
C PRO A 546 10.98 7.18 -16.91
N LEU A 547 11.91 8.12 -16.80
CA LEU A 547 13.28 7.82 -16.42
C LEU A 547 13.44 7.66 -14.92
N PHE A 548 12.34 7.52 -14.20
CA PHE A 548 12.30 7.22 -12.77
C PHE A 548 11.66 5.87 -12.52
N LEU A 549 10.55 5.61 -13.18
CA LEU A 549 10.00 4.27 -13.22
C LEU A 549 10.97 3.31 -13.89
N LEU A 550 11.70 3.77 -14.91
CA LEU A 550 12.72 2.92 -15.52
C LEU A 550 13.83 2.59 -14.53
N PHE A 551 14.23 3.55 -13.72
CA PHE A 551 15.23 3.31 -12.68
C PHE A 551 14.75 2.24 -11.72
N ILE A 552 13.52 2.38 -11.21
CA ILE A 552 13.00 1.39 -10.26
C ILE A 552 12.88 0.02 -10.92
N ILE A 553 12.35 -0.03 -12.14
CA ILE A 553 12.14 -1.31 -12.81
C ILE A 553 13.47 -2.01 -13.07
N CYS A 554 14.42 -1.28 -13.68
CA CYS A 554 15.72 -1.87 -13.98
C CYS A 554 16.51 -2.20 -12.74
N SER A 555 16.13 -1.65 -11.58
CA SER A 555 16.81 -2.01 -10.35
C SER A 555 16.12 -3.13 -9.58
N PHE A 556 14.83 -3.35 -9.79
CA PHE A 556 14.12 -4.47 -9.20
C PHE A 556 14.34 -5.77 -9.94
N LEU A 557 14.43 -5.71 -11.26
CA LEU A 557 14.58 -6.92 -12.07
C LEU A 557 15.95 -7.54 -11.88
N MET A 558 17.01 -6.74 -11.97
CA MET A 558 18.35 -7.32 -11.99
C MET A 558 18.72 -7.91 -10.64
N SER A 559 18.22 -7.32 -9.55
CA SER A 559 18.55 -7.80 -8.21
C SER A 559 17.40 -8.64 -7.70
N PRO A 560 17.55 -9.96 -7.59
CA PRO A 560 16.46 -10.79 -7.11
C PRO A 560 16.50 -10.91 -5.60
N PRO A 561 15.36 -10.80 -4.92
CA PRO A 561 15.36 -10.91 -3.46
C PRO A 561 15.62 -12.33 -3.01
N GLN A 562 16.22 -12.46 -1.83
CA GLN A 562 16.32 -13.75 -1.14
C GLN A 562 15.39 -13.64 0.06
N LEU A 563 14.15 -14.09 -0.14
CA LEU A 563 13.09 -13.89 0.85
C LEU A 563 13.37 -14.67 2.12
N ARG A 564 12.81 -14.16 3.22
CA ARG A 564 12.96 -14.81 4.52
C ARG A 564 11.90 -14.27 5.45
N LEU A 565 11.42 -15.13 6.36
CA LEU A 565 10.42 -14.74 7.34
C LEU A 565 10.40 -15.78 8.44
N PHE A 566 10.52 -15.33 9.69
CA PHE A 566 10.45 -16.22 10.85
C PHE A 566 11.36 -17.42 10.69
N GLN A 567 12.66 -17.15 10.50
CA GLN A 567 13.70 -18.17 10.32
C GLN A 567 13.28 -19.25 9.31
N TYR A 568 12.68 -18.82 8.21
CA TYR A 568 12.31 -19.72 7.11
C TYR A 568 12.93 -19.18 5.83
N ASN A 569 13.88 -19.92 5.27
CA ASN A 569 14.52 -19.54 4.00
C ASN A 569 13.65 -20.02 2.86
N TYR A 570 13.13 -19.09 2.08
CA TYR A 570 12.20 -19.45 1.02
C TYR A 570 12.90 -20.35 -0.01
N PRO A 571 12.18 -21.27 -0.62
CA PRO A 571 12.82 -22.29 -1.44
C PRO A 571 13.18 -21.75 -2.82
N TYR A 572 13.82 -22.60 -3.62
CA TYR A 572 14.17 -22.23 -4.98
C TYR A 572 12.93 -21.86 -5.78
N TRP A 573 11.91 -22.71 -5.74
CA TRP A 573 10.72 -22.49 -6.55
C TRP A 573 9.93 -21.28 -6.12
N SER A 574 10.23 -20.69 -4.97
CA SER A 574 9.49 -19.50 -4.56
C SER A 574 9.75 -18.34 -5.49
N ILE A 575 10.99 -18.17 -5.95
CA ILE A 575 11.26 -17.09 -6.88
C ILE A 575 10.58 -17.34 -8.21
N ILE A 576 10.47 -18.61 -8.65
CA ILE A 576 9.75 -18.89 -9.88
C ILE A 576 8.27 -18.60 -9.71
N LEU A 577 7.70 -18.95 -8.58
CA LEU A 577 6.31 -18.63 -8.31
C LEU A 577 6.09 -17.12 -8.28
N GLY A 578 7.04 -16.38 -7.73
CA GLY A 578 6.92 -14.93 -7.72
C GLY A 578 7.02 -14.32 -9.11
N TYR A 579 7.93 -14.82 -9.93
CA TYR A 579 8.01 -14.36 -11.30
C TYR A 579 6.75 -14.66 -12.07
N CYS A 580 6.15 -15.84 -11.89
CA CYS A 580 4.86 -16.12 -12.51
C CYS A 580 3.75 -15.23 -11.96
N ILE A 581 3.79 -14.90 -10.67
CA ILE A 581 2.80 -14.01 -10.08
C ILE A 581 2.86 -12.63 -10.75
N GLY A 582 4.07 -12.11 -10.92
CA GLY A 582 4.21 -10.81 -11.59
C GLY A 582 3.86 -10.87 -13.07
N THR A 583 4.27 -11.94 -13.74
CA THR A 583 4.00 -12.05 -15.17
C THR A 583 2.51 -12.22 -15.45
N SER A 584 1.77 -12.86 -14.54
CA SER A 584 0.33 -12.97 -14.76
C SER A 584 -0.32 -11.60 -14.84
N SER A 585 0.11 -10.68 -13.97
CA SER A 585 -0.37 -9.31 -14.05
C SER A 585 0.08 -8.64 -15.34
N PHE A 586 1.37 -8.74 -15.66
CA PHE A 586 1.91 -7.94 -16.76
C PHE A 586 1.37 -8.41 -18.12
N ILE A 587 1.20 -9.72 -18.31
CA ILE A 587 1.00 -10.29 -19.63
C ILE A 587 -0.33 -9.83 -20.24
N CYS A 588 -1.11 -9.06 -19.47
CA CYS A 588 -2.36 -8.54 -20.00
C CYS A 588 -2.12 -7.49 -21.08
N ILE A 589 -0.99 -6.77 -21.01
CA ILE A 589 -0.70 -5.69 -21.95
C ILE A 589 -0.25 -6.25 -23.31
N PRO A 590 0.83 -7.05 -23.38
CA PRO A 590 1.22 -7.58 -24.68
C PRO A 590 0.16 -8.42 -25.34
N THR A 591 -0.62 -9.16 -24.57
CA THR A 591 -1.67 -9.99 -25.14
C THR A 591 -2.69 -9.14 -25.87
N TYR A 592 -3.17 -8.06 -25.23
CA TYR A 592 -4.14 -7.22 -25.89
C TYR A 592 -3.53 -6.47 -27.07
N ILE A 593 -2.26 -6.09 -26.97
CA ILE A 593 -1.61 -5.45 -28.11
C ILE A 593 -1.64 -6.38 -29.32
N ALA A 594 -1.30 -7.65 -29.10
CA ALA A 594 -1.34 -8.63 -30.18
C ALA A 594 -2.76 -8.81 -30.70
N TYR A 595 -3.74 -8.87 -29.79
CA TYR A 595 -5.13 -9.05 -30.20
C TYR A 595 -5.59 -7.91 -31.10
N ARG A 596 -5.36 -6.67 -30.68
CA ARG A 596 -5.81 -5.53 -31.46
C ARG A 596 -5.07 -5.43 -32.80
N LEU A 597 -3.76 -5.72 -32.79
CA LEU A 597 -3.02 -5.64 -34.04
C LEU A 597 -3.43 -6.75 -35.01
N ILE A 598 -3.92 -7.88 -34.50
CA ILE A 598 -4.23 -8.99 -35.40
C ILE A 598 -5.67 -8.95 -35.88
N ILE A 599 -6.58 -8.40 -35.08
CA ILE A 599 -7.98 -8.40 -35.51
C ILE A 599 -8.26 -7.21 -36.43
N THR A 600 -7.60 -6.09 -36.21
CA THR A 600 -7.83 -4.88 -36.99
C THR A 600 -7.56 -5.14 -38.46
N PRO A 601 -8.47 -4.80 -39.36
CA PRO A 601 -8.16 -4.92 -40.79
C PRO A 601 -7.07 -3.96 -41.20
N GLY A 602 -6.33 -4.34 -42.24
CA GLY A 602 -5.38 -3.43 -42.85
C GLY A 602 -4.06 -4.11 -43.13
N THR A 603 -3.09 -3.28 -43.51
CA THR A 603 -1.74 -3.73 -43.86
C THR A 603 -0.81 -3.70 -42.65
N PHE A 604 0.49 -3.83 -42.89
CA PHE A 604 1.49 -3.91 -41.84
C PHE A 604 1.58 -2.66 -40.97
N LYS A 605 1.44 -1.48 -41.57
CA LYS A 605 1.53 -0.23 -40.83
C LYS A 605 0.16 0.32 -40.45
N GLU A 606 -0.86 0.07 -41.26
CA GLU A 606 -2.19 0.61 -40.99
C GLU A 606 -2.68 0.17 -39.62
N ARG A 607 -2.32 -1.06 -39.21
CA ARG A 607 -2.73 -1.54 -37.90
C ARG A 607 -2.28 -0.59 -36.79
N ILE A 608 -0.99 -0.27 -36.76
CA ILE A 608 -0.48 0.53 -35.65
C ILE A 608 -0.91 1.98 -35.79
N ILE A 609 -0.98 2.51 -37.02
CA ILE A 609 -1.36 3.92 -37.15
C ILE A 609 -2.82 4.13 -36.77
N LYS A 610 -3.70 3.19 -37.10
CA LYS A 610 -5.11 3.35 -36.74
C LYS A 610 -5.44 2.75 -35.38
N SER A 611 -4.49 2.07 -34.74
CA SER A 611 -4.68 1.60 -33.38
C SER A 611 -4.00 2.48 -32.35
N ILE A 612 -3.20 3.46 -32.77
CA ILE A 612 -2.67 4.46 -31.85
C ILE A 612 -3.62 5.65 -31.72
N THR A 613 -4.27 6.04 -32.81
CA THR A 613 -5.12 7.22 -32.78
C THR A 613 -6.35 6.97 -31.92
N PRO A 614 -6.69 7.89 -31.03
CA PRO A 614 -7.88 7.71 -30.20
C PRO A 614 -9.13 7.56 -31.04
N GLU A 615 -10.04 6.69 -30.59
CA GLU A 615 -11.20 6.33 -31.38
C GLU A 615 -12.17 7.50 -31.48
N THR A 616 -12.70 7.71 -32.67
CA THR A 616 -13.66 8.78 -32.89
C THR A 616 -14.94 8.49 -32.11
N PRO A 617 -15.50 9.47 -31.40
CA PRO A 617 -16.70 9.28 -30.58
C PRO A 617 -17.91 8.84 -31.40
CL CL B . 6.08 7.59 2.76
NA NA C . 1.67 5.88 2.28
NA NA D . -6.39 4.98 5.15
CAA Y01 E . 11.73 23.38 6.54
CBA Y01 E . 11.62 21.85 6.56
CAB Y01 E . 12.74 21.22 5.74
CAN Y01 E . 10.26 21.35 6.09
CAJ Y01 E . 9.58 22.19 5.01
CAO Y01 E . 9.36 21.41 3.72
CBB Y01 E . 8.36 22.05 2.75
CAC Y01 E . 8.47 23.57 2.79
CBE Y01 E . 8.50 21.49 1.32
CAP Y01 E . 9.27 20.13 1.25
CAQ Y01 E . 8.79 19.42 -0.03
CBG Y01 E . 7.90 20.46 -0.69
CBI Y01 E . 7.23 21.20 0.48
CAE Y01 E . 6.27 20.30 1.27
CAU Y01 E . 6.50 22.42 -0.07
CAS Y01 E . 5.66 22.13 -1.32
CBF Y01 E . 6.43 21.37 -2.41
CBD Y01 E . 6.96 20.05 -1.81
CAK Y01 E . 7.70 19.20 -2.83
CAI Y01 E . 7.24 19.37 -4.24
CAZ Y01 E . 6.52 20.38 -4.68
CAV Y01 E . 6.30 20.52 -6.17
CBH Y01 E . 5.67 21.22 -3.75
CAD Y01 E . 4.31 20.55 -3.56
CAT Y01 E . 5.48 22.64 -4.34
CAR Y01 E . 5.18 22.71 -5.83
CBC Y01 E . 6.26 21.98 -6.61
OAW Y01 E . 5.93 22.10 -8.00
CAY Y01 E . 6.41 23.11 -8.71
OAG Y01 E . 5.71 23.79 -9.43
CAM Y01 E . 7.88 23.30 -8.49
CAL Y01 E . 8.61 24.08 -9.56
CAX Y01 E . 10.15 23.94 -9.55
OAH Y01 E . 10.77 24.68 -10.33
OAF Y01 E . 10.65 23.10 -8.78
CAA Y01 F . 0.12 14.52 14.32
CBA Y01 F . -0.98 14.34 13.28
CAB Y01 F . -0.56 13.30 12.24
CAN Y01 F . -1.33 15.65 12.58
CAJ Y01 F . -2.82 15.90 12.36
CAO Y01 F . -3.13 16.37 10.94
CBB Y01 F . -4.62 16.62 10.68
CAC Y01 F . -5.19 17.46 11.83
CBE Y01 F . -4.85 17.22 9.28
CAP Y01 F . -4.05 16.44 8.20
CAQ Y01 F . -4.93 16.34 6.95
CBG Y01 F . -5.99 17.39 7.20
CBI Y01 F . -6.29 17.25 8.69
CAE Y01 F . -7.00 15.94 9.00
CAU Y01 F . -7.14 18.46 9.07
CAS Y01 F . -8.40 18.58 8.19
CBF Y01 F . -8.10 18.61 6.69
CBD Y01 F . -7.21 17.42 6.30
CAK Y01 F . -6.82 17.51 4.84
CAI Y01 F . -7.95 17.89 3.96
CAZ Y01 F . -8.99 18.61 4.35
CAV Y01 F . -10.00 19.06 3.33
CBH Y01 F . -9.36 18.75 5.82
CAD Y01 F . -10.43 17.70 6.17
CAT Y01 F . -9.96 20.15 6.03
CAR Y01 F . -11.10 20.49 5.07
CBC Y01 F . -10.60 20.43 3.64
OAW Y01 F . -11.74 20.66 2.79
CAY Y01 F . -11.76 21.70 1.96
OAG Y01 F . -11.29 21.66 0.84
CAM Y01 F . -12.46 22.87 2.58
CAL Y01 F . -11.78 24.21 2.31
CAX Y01 F . -12.62 25.46 2.63
OAH Y01 F . -13.56 25.69 1.85
OAF Y01 F . -12.31 26.12 3.65
C1B LMT G . 12.49 -4.80 -1.96
C2B LMT G . 11.42 -4.04 -1.15
C3B LMT G . 12.05 -2.81 -0.47
C4B LMT G . 12.77 -1.89 -1.49
C5B LMT G . 13.58 -2.78 -2.45
C6B LMT G . 14.97 -2.18 -2.67
O1B LMT G . 12.01 -5.01 -3.26
O2B LMT G . 10.45 -3.66 -2.03
O3B LMT G . 12.87 -3.19 0.57
O4' LMT G . 11.87 -1.16 -2.19
O5B LMT G . 13.69 -4.10 -1.99
O6B LMT G . 15.42 -2.48 -3.92
C1' LMT G . 10.82 -6.96 -6.33
C2' LMT G . 9.97 -6.58 -5.11
C3' LMT G . 10.73 -6.95 -3.81
C4' LMT G . 12.13 -6.32 -3.73
C5' LMT G . 12.68 -6.30 -5.17
C6' LMT G . 14.18 -6.37 -5.25
O1' LMT G . 10.30 -8.07 -6.93
O2' LMT G . 9.75 -5.23 -5.12
O3' LMT G . 10.84 -8.30 -3.72
O5' LMT G . 12.12 -7.35 -5.90
O6' LMT G . 14.65 -5.57 -4.25
C1 LMT G . 11.14 -8.70 -7.85
C2 LMT G . 10.24 -9.59 -8.63
C3 LMT G . 10.51 -9.73 -10.09
C4 LMT G . 9.20 -10.00 -10.76
C5 LMT G . 9.33 -9.78 -12.23
C6 LMT G . 8.08 -10.10 -12.96
C7 LMT G . 8.13 -9.54 -14.34
C8 LMT G . 6.98 -8.60 -14.51
C9 LMT G . 6.96 -7.88 -15.82
C10 LMT G . 8.33 -7.30 -16.02
C11 LMT G . 8.57 -6.95 -17.45
C12 LMT G . 8.74 -5.48 -17.65
C1 NAG H . 14.44 -23.55 22.77
C2 NAG H . 14.20 -24.79 23.64
C3 NAG H . 15.17 -25.90 23.26
C4 NAG H . 15.08 -26.19 21.76
C5 NAG H . 15.30 -24.91 20.96
C6 NAG H . 15.10 -25.10 19.48
C7 NAG H . 13.35 -24.71 25.93
C8 NAG H . 13.65 -24.33 27.36
N2 NAG H . 14.32 -24.48 25.05
O3 NAG H . 14.88 -27.07 24.00
O4 NAG H . 16.07 -27.14 21.39
O5 NAG H . 14.35 -23.91 21.38
O6 NAG H . 14.69 -23.89 18.86
O7 NAG H . 12.28 -25.22 25.61
CL1 JC9 I . -2.47 -1.48 0.11
O1 JC9 I . -2.01 1.25 0.27
N1 JC9 I . -0.60 -0.34 -1.32
C1 JC9 I . -1.54 0.62 -1.99
C2 JC9 I . -0.94 1.10 -3.32
C3 JC9 I . -1.02 2.61 -3.49
C4 JC9 I . -0.30 3.33 -2.35
C5 JC9 I . -1.86 1.78 -1.03
C6 JC9 I . -0.81 2.89 -0.97
C7 JC9 I . -2.88 -0.09 -2.25
C8 JC9 I . -3.40 -1.06 -1.35
C9 JC9 I . -3.64 0.20 -3.39
C10 JC9 I . -0.06 -1.30 -2.31
C11 JC9 I . -4.62 -1.71 -1.58
C12 JC9 I . -4.86 -0.45 -3.61
C13 JC9 I . -5.35 -1.41 -2.71
C1 DD9 J . -20.88 -3.49 9.20
C2 DD9 J . -21.76 -2.41 8.59
C3 DD9 J . -23.01 -2.98 7.92
C4 DD9 J . -24.07 -1.95 7.62
C5 DD9 J . -25.35 -2.57 7.07
C6 DD9 J . -26.61 -1.89 7.57
C7 DD9 J . -27.81 -2.83 7.66
C8 DD9 J . -29.00 -2.23 8.41
C9 DD9 J . -30.24 -3.13 8.35
C1 DD9 K . -26.61 3.06 2.71
C2 DD9 K . -25.95 2.14 3.73
C3 DD9 K . -24.45 2.40 3.89
C4 DD9 K . -23.91 1.90 5.22
C5 DD9 K . -22.48 2.35 5.49
C6 DD9 K . -21.80 1.53 6.58
C7 DD9 K . -20.32 1.84 6.73
C8 DD9 K . -19.55 0.78 7.51
C9 DD9 K . -18.10 1.17 7.73
C1 D12 L . -25.35 3.12 12.87
C2 D12 L . -25.76 3.79 11.58
C3 D12 L . -25.64 5.32 11.64
C4 D12 L . -24.20 5.82 11.59
C5 D12 L . -23.58 5.70 10.20
C6 D12 L . -22.12 6.13 10.14
C7 D12 L . -21.50 5.97 8.76
C8 D12 L . -20.00 6.21 8.74
C9 D12 L . -19.61 7.65 9.10
C10 D12 L . -20.29 8.71 8.24
C11 D12 L . -19.82 10.12 8.59
C12 D12 L . -20.75 11.20 8.04
C1 DD9 M . -13.98 12.26 13.58
C2 DD9 M . -14.48 12.57 12.17
C3 DD9 M . -14.32 14.04 11.80
C4 DD9 M . -14.66 14.33 10.34
C5 DD9 M . -14.84 15.81 10.03
C6 DD9 M . -14.76 16.13 8.55
C7 DD9 M . -15.48 17.42 8.18
C8 DD9 M . -15.46 17.70 6.68
C9 DD9 M . -16.15 19.00 6.32
C1 D12 N . 1.07 19.67 1.97
C2 D12 N . 0.58 20.98 2.57
C3 D12 N . 0.27 22.01 1.50
C4 D12 N . 1.31 22.05 0.39
C5 D12 N . 0.99 23.08 -0.70
C6 D12 N . -0.48 23.09 -1.08
C7 D12 N . -0.83 24.14 -2.11
C8 D12 N . -2.14 24.86 -1.81
C9 D12 N . -2.21 26.26 -2.41
C10 D12 N . -2.22 27.36 -1.36
C11 D12 N . -1.02 27.33 -0.41
C12 D12 N . -1.12 28.37 0.70
C1 D10 O . 14.85 27.50 -15.96
C2 D10 O . 13.98 28.11 -14.87
C3 D10 O . 12.99 27.12 -14.27
C4 D10 O . 11.87 26.71 -15.22
C5 D10 O . 10.67 26.10 -14.49
C6 D10 O . 10.23 26.95 -13.30
C7 D10 O . 9.08 26.34 -12.50
C8 D10 O . 7.75 26.36 -13.26
C9 D10 O . 6.61 25.74 -12.47
C10 D10 O . 6.32 26.48 -11.18
C1 OCT P . 13.32 21.98 -19.02
C2 OCT P . 13.29 23.48 -19.28
C3 OCT P . 13.17 23.81 -20.76
C4 OCT P . 12.93 25.29 -21.03
C5 OCT P . 13.03 25.64 -22.51
C6 OCT P . 11.88 26.49 -23.01
C7 OCT P . 11.86 27.90 -22.42
C8 OCT P . 10.77 28.77 -23.02
C1 OCT Q . 12.43 16.29 -22.68
C2 OCT Q . 11.17 17.15 -22.65
C3 OCT Q . 11.45 18.59 -23.09
C4 OCT Q . 10.25 19.51 -22.95
C5 OCT Q . 9.02 19.01 -23.68
C6 OCT Q . 8.08 20.13 -24.12
C7 OCT Q . 6.78 19.65 -24.74
C8 OCT Q . 7.00 18.56 -25.78
C1 OCT R . 12.99 6.53 -30.90
C2 OCT R . 12.69 7.86 -30.21
C3 OCT R . 11.64 7.74 -29.11
C4 OCT R . 11.13 9.09 -28.62
C5 OCT R . 9.93 8.99 -27.69
C6 OCT R . 8.91 10.09 -27.91
C7 OCT R . 9.44 11.48 -27.58
C8 OCT R . 8.40 12.57 -27.84
C1 OCT S . 6.73 7.13 -29.79
C2 OCT S . 5.77 7.30 -30.96
C3 OCT S . 5.10 8.67 -30.96
C4 OCT S . 4.06 8.83 -32.07
C5 OCT S . 3.20 10.07 -31.90
C6 OCT S . 2.09 10.18 -32.93
C7 OCT S . 2.61 10.45 -34.34
C8 OCT S . 3.00 11.90 -34.56
C1 D12 T . 2.23 -9.13 -32.40
C2 D12 T . 1.04 -8.52 -33.13
C3 D12 T . 1.07 -8.80 -34.63
C4 D12 T . 1.15 -10.29 -34.95
C5 D12 T . 1.62 -10.57 -36.38
C6 D12 T . 2.44 -11.83 -36.51
C7 D12 T . 3.79 -11.75 -35.80
C8 D12 T . 4.58 -13.07 -35.85
C9 D12 T . 6.05 -12.90 -35.52
C10 D12 T . 6.31 -12.55 -34.06
C11 D12 T . 6.23 -13.74 -33.11
C12 D12 T . 6.84 -13.46 -31.75
C1 D10 U . -0.99 -14.23 -31.56
C2 D10 U . -1.97 -13.31 -30.85
C3 D10 U . -2.97 -14.06 -29.97
C4 D10 U . -4.17 -13.21 -29.58
C5 D10 U . -4.94 -13.77 -28.40
C6 D10 U . -5.40 -15.21 -28.63
C7 D10 U . -6.28 -15.76 -27.51
C8 D10 U . -6.55 -17.25 -27.64
C9 D10 U . -7.10 -17.64 -29.01
C10 D10 U . -7.33 -19.15 -29.14
C1 D12 V . -5.90 -13.05 -18.87
C2 D12 V . -4.70 -13.40 -19.73
C3 D12 V . -4.40 -12.34 -20.79
C4 D12 V . -5.58 -12.00 -21.68
C5 D12 V . -5.72 -10.51 -21.94
C6 D12 V . -6.85 -10.16 -22.90
C7 D12 V . -6.73 -10.88 -24.23
C8 D12 V . -7.85 -10.52 -25.22
C9 D12 V . -8.60 -9.26 -24.84
C10 D12 V . -9.69 -8.89 -25.83
C11 D12 V . -10.62 -7.80 -25.31
C12 D12 V . -11.66 -7.37 -26.33
CAA Y01 W . -24.08 -15.79 6.55
CBA Y01 W . -24.35 -14.43 5.93
CAB Y01 W . -25.74 -13.93 6.33
CAN Y01 W . -24.23 -14.47 4.40
CAJ Y01 W . -23.85 -13.13 3.74
CAO Y01 W . -24.50 -12.97 2.37
CBB Y01 W . -24.12 -11.72 1.60
CAC Y01 W . -23.30 -12.12 0.37
CBE Y01 W . -25.36 -10.89 1.25
CAP Y01 W . -26.47 -11.06 2.34
CAQ Y01 W . -27.28 -9.74 2.37
CBG Y01 W . -26.81 -9.11 1.07
CBI Y01 W . -25.29 -9.34 1.07
CAE Y01 W . -24.62 -8.74 2.30
CAU Y01 W . -24.70 -8.78 -0.23
CAS Y01 W . -25.26 -7.41 -0.69
CBF Y01 W . -26.78 -7.58 -0.78
CBD Y01 W . -27.31 -7.73 0.66
CAK Y01 W . -28.83 -7.69 0.79
CAI Y01 W . -29.59 -7.39 -0.45
CAZ Y01 W . -29.06 -6.92 -1.58
CAV Y01 W . -29.97 -6.27 -2.60
CBH Y01 W . -27.59 -6.62 -1.70
CAD Y01 W . -27.40 -5.14 -1.34
CAT Y01 W . -27.16 -6.86 -3.16
CAR Y01 W . -28.03 -6.14 -4.19
CBC Y01 W . -29.49 -6.54 -4.01
OAW Y01 W . -30.31 -5.85 -4.98
CAY Y01 W . -29.97 -4.67 -5.52
OAG Y01 W . -29.34 -4.56 -6.55
CAM Y01 W . -30.48 -3.51 -4.70
CAL Y01 W . -30.69 -2.24 -5.51
CAX Y01 W . -31.31 -1.09 -4.71
OAH Y01 W . -30.64 -0.69 -3.73
OAF Y01 W . -32.41 -0.64 -5.09
C1 DD9 X . -24.60 -12.23 -6.43
C2 DD9 X . -23.37 -12.46 -7.29
C3 DD9 X . -22.30 -13.26 -6.57
C4 DD9 X . -21.29 -13.89 -7.53
C5 DD9 X . -20.10 -14.54 -6.82
C6 DD9 X . -18.97 -14.89 -7.78
C7 DD9 X . -17.77 -15.53 -7.11
C8 DD9 X . -16.63 -15.84 -8.05
C9 DD9 X . -15.50 -16.62 -7.39
C1 D12 Y . -20.27 -13.21 -12.06
C2 D12 Y . -18.85 -13.61 -11.68
C3 D12 Y . -17.80 -12.63 -12.17
C4 D12 Y . -17.98 -11.22 -11.60
C5 D12 Y . -16.66 -10.45 -11.53
C6 D12 Y . -15.53 -11.25 -10.90
C7 D12 Y . -14.15 -10.67 -11.18
C8 D12 Y . -14.01 -9.22 -10.73
C9 D12 Y . -12.70 -8.57 -11.17
C10 D12 Y . -11.83 -8.12 -10.01
C11 D12 Y . -11.43 -9.25 -9.07
C12 D12 Y . -10.84 -8.74 -7.77
C1 DD9 Z . -9.72 -13.79 -23.15
C2 DD9 Z . -10.62 -12.60 -22.83
C3 DD9 Z . -10.06 -11.74 -21.71
C4 DD9 Z . -11.01 -10.62 -21.28
C5 DD9 Z . -10.78 -10.19 -19.83
C6 DD9 Z . -11.95 -9.40 -19.25
C7 DD9 Z . -11.76 -9.04 -17.79
C8 DD9 Z . -12.51 -7.80 -17.34
C9 DD9 Z . -11.99 -7.23 -16.03
C1 D12 AA . 18.27 22.26 0.67
C2 D12 AA . 16.98 21.45 0.81
C3 D12 AA . 17.21 20.07 1.41
C4 D12 AA . 15.94 19.39 1.88
C5 D12 AA . 16.18 18.37 3.00
C6 D12 AA . 14.93 18.01 3.77
C7 D12 AA . 15.19 17.06 4.93
C8 D12 AA . 16.32 17.53 5.84
C9 D12 AA . 16.02 17.33 7.32
C10 D12 AA . 17.00 18.08 8.22
C11 D12 AA . 18.40 17.50 8.20
C12 D12 AA . 18.68 16.59 9.40
C1 OCT BA . -15.04 -20.80 4.58
C2 OCT BA . -15.27 -22.17 5.20
C3 OCT BA . -14.07 -22.67 6.01
C4 OCT BA . -13.55 -21.64 6.99
C5 OCT BA . -13.64 -22.10 8.44
C6 OCT BA . -12.77 -23.31 8.74
C7 OCT BA . -12.89 -23.80 10.18
C8 OCT BA . -11.76 -24.73 10.57
#